data_3QRF
#
_entry.id   3QRF
#
_cell.length_a   83.667
_cell.length_b   131.234
_cell.length_c   68.665
_cell.angle_alpha   90.00
_cell.angle_beta   89.95
_cell.angle_gamma   90.00
#
_symmetry.space_group_name_H-M   'P 1 21 1'
#
loop_
_entity.id
_entity.type
_entity.pdbx_description
1 polymer 'Nuclear factor of activated T-cells, cytoplasmic 2'
2 polymer 'Forkhead box protein P3'
3 polymer 'human hARRE2 DNA (Plus Strand)'
4 polymer 'human hARRE2 DNA (Minus Strand)'
5 non-polymer 'MAGNESIUM ION'
6 water water
#
loop_
_entity_poly.entity_id
_entity_poly.type
_entity_poly.pdbx_seq_one_letter_code
_entity_poly.pdbx_strand_id
1 'polypeptide(L)'
;SSVPLEWPLSSQSGSYELRIEVQPKPHHRAHYETEGSRGAVKAPTGGHPVVQLHGYMENKPLGLQIFIGTADERILKPHA
FYQVHRITGKTVTTTSYEKIVGNTKVLEIPLEPKNNMRATIDCAGILKLRNADIELRKGETDIGRKNTRVRLVFRVHIPE
SSGRIVSLQTASNPIECSQRSAHELPMVERQDTDSCLVYGGQQMILTGQNFTSESKVVFTEKTTDGQQIWEMEATVAAAA
AAPNMLFVEIPEYRNKHIRTPVKVNFYVINGKRKRSQPQHFTYHPV
;
N,M
2 'polypeptide(L)'
;MRPPFTYATLIRWAILEAPEKQRTLNEIYHWFTRMFAFFRNHPATWKNAIRHNLSLHKCFVRVESEKGAVWTVDELEFRK
KR
;
F,G,H,I
3 'polydeoxyribonucleotide'
;(DT)(DT)(DA)(DG)(DG)(DA)(DA)(DA)(DA)(DT)(DT)(DT)(DG)(DT)(DT)(DT)(DC)(DA)(DT)(DA)
(DG)
;
C,A
4 'polydeoxyribonucleotide'
;(DA)(DA)(DC)(DT)(DA)(DT)(DG)(DA)(DA)(DA)(DC)(DA)(DA)(DA)(DT)(DT)(DT)(DT)(DC)(DC)
(DT)
;
D,B
#
# COMPACT_ATOMS: atom_id res chain seq x y z
N SER A 1 -1.71 -29.86 9.23
CA SER A 1 -0.75 -29.26 8.24
C SER A 1 -0.06 -28.00 8.77
N SER A 2 1.25 -28.09 8.95
CA SER A 2 2.05 -26.95 9.45
C SER A 2 2.02 -25.82 8.43
N VAL A 3 2.35 -24.60 8.88
CA VAL A 3 2.35 -23.44 8.00
C VAL A 3 3.76 -23.13 7.50
N PRO A 4 3.97 -23.15 6.18
CA PRO A 4 5.29 -22.86 5.62
C PRO A 4 5.77 -21.48 6.01
N LEU A 5 7.03 -21.41 6.44
CA LEU A 5 7.63 -20.16 6.88
C LEU A 5 7.68 -19.06 5.83
N GLU A 6 7.58 -19.43 4.55
CA GLU A 6 7.61 -18.45 3.46
C GLU A 6 6.32 -17.67 3.39
N TRP A 7 5.24 -18.25 3.92
CA TRP A 7 3.93 -17.59 3.92
C TRP A 7 3.91 -16.41 4.88
N PRO A 8 3.68 -15.20 4.35
CA PRO A 8 3.62 -14.02 5.23
C PRO A 8 2.36 -14.14 6.05
N LEU A 9 2.27 -13.35 7.11
CA LEU A 9 1.09 -13.37 7.95
C LEU A 9 0.93 -12.00 8.56
N SER A 10 -0.27 -11.71 9.03
CA SER A 10 -0.53 -10.43 9.64
C SER A 10 -0.09 -10.50 11.09
N SER A 11 -0.05 -9.33 11.72
CA SER A 11 0.35 -9.21 13.12
C SER A 11 -0.90 -9.31 14.01
N GLN A 12 -2.05 -9.20 13.37
CA GLN A 12 -3.33 -9.29 14.07
C GLN A 12 -4.47 -9.79 13.18
N SER A 13 -5.43 -10.45 13.80
CA SER A 13 -6.59 -10.99 13.09
C SER A 13 -7.81 -10.77 14.03
N GLY A 14 -8.65 -9.80 13.69
CA GLY A 14 -9.81 -9.52 14.53
C GLY A 14 -9.46 -8.89 15.87
N SER A 15 -9.18 -9.72 16.86
CA SER A 15 -8.82 -9.23 18.20
C SER A 15 -7.46 -9.76 18.61
N TYR A 16 -6.91 -10.63 17.78
CA TYR A 16 -5.61 -11.24 18.05
C TYR A 16 -4.48 -10.42 17.43
N GLU A 17 -3.57 -9.91 18.26
CA GLU A 17 -2.46 -9.15 17.72
C GLU A 17 -1.12 -9.41 18.42
N LEU A 18 -0.15 -9.89 17.65
CA LEU A 18 1.19 -10.18 18.15
C LEU A 18 2.10 -9.01 17.79
N ARG A 19 2.56 -8.29 18.79
CA ARG A 19 3.41 -7.13 18.51
C ARG A 19 4.72 -7.14 19.26
N ILE A 20 5.73 -6.58 18.61
CA ILE A 20 7.06 -6.51 19.22
C ILE A 20 7.06 -5.22 20.05
N GLU A 21 7.22 -5.35 21.35
CA GLU A 21 7.25 -4.17 22.22
C GLU A 21 8.54 -3.40 21.93
N VAL A 22 9.65 -4.02 22.31
CA VAL A 22 10.97 -3.44 22.11
C VAL A 22 11.76 -4.15 21.04
N GLN A 23 12.10 -3.40 19.99
CA GLN A 23 12.88 -3.90 18.88
C GLN A 23 14.34 -4.07 19.34
N PRO A 24 15.12 -4.87 18.62
CA PRO A 24 16.52 -5.15 18.94
C PRO A 24 17.43 -4.01 18.50
N LYS A 25 18.69 -4.07 18.91
CA LYS A 25 19.68 -3.06 18.55
C LYS A 25 19.88 -3.02 17.03
N PRO A 26 20.25 -1.87 16.48
CA PRO A 26 20.46 -1.79 15.04
C PRO A 26 21.48 -2.78 14.47
N HIS A 27 22.37 -3.31 15.31
CA HIS A 27 23.37 -4.28 14.83
C HIS A 27 23.84 -5.33 15.84
N HIS A 28 23.96 -6.55 15.36
CA HIS A 28 24.43 -7.69 16.18
C HIS A 28 25.46 -8.51 15.38
N ARG A 29 26.68 -8.58 15.90
CA ARG A 29 27.74 -9.32 15.22
C ARG A 29 27.51 -10.79 15.42
N ALA A 30 27.13 -11.46 14.35
CA ALA A 30 26.86 -12.89 14.38
C ALA A 30 28.18 -13.64 14.42
N HIS A 31 28.11 -14.85 14.96
CA HIS A 31 29.28 -15.71 15.03
C HIS A 31 29.24 -16.77 13.93
N TYR A 32 30.41 -17.28 13.55
CA TYR A 32 30.49 -18.33 12.54
C TYR A 32 30.57 -19.69 13.27
N GLU A 33 30.23 -20.76 12.57
CA GLU A 33 30.29 -22.08 13.19
C GLU A 33 31.68 -22.31 13.76
N THR A 34 32.70 -22.05 12.95
CA THR A 34 34.07 -22.27 13.39
C THR A 34 34.44 -21.49 14.65
N GLU A 35 33.52 -20.69 15.19
CA GLU A 35 33.88 -19.94 16.39
C GLU A 35 32.93 -20.09 17.58
N GLY A 36 33.20 -19.29 18.62
CA GLY A 36 32.38 -19.34 19.81
C GLY A 36 31.10 -18.57 19.63
N SER A 37 30.23 -18.62 20.62
CA SER A 37 28.97 -17.88 20.50
C SER A 37 29.23 -16.43 20.79
N ARG A 38 28.65 -15.58 19.98
CA ARG A 38 28.82 -14.16 20.17
C ARG A 38 27.55 -13.57 20.75
N GLY A 39 27.18 -14.10 21.92
CA GLY A 39 26.01 -13.64 22.66
C GLY A 39 24.63 -13.60 22.03
N ALA A 40 23.66 -13.13 22.81
CA ALA A 40 22.30 -13.02 22.34
C ALA A 40 22.02 -11.64 21.78
N VAL A 41 21.02 -11.56 20.90
CA VAL A 41 20.60 -10.29 20.28
C VAL A 41 20.12 -9.41 21.44
N LYS A 42 20.52 -8.15 21.44
CA LYS A 42 20.13 -7.24 22.52
C LYS A 42 19.27 -6.03 22.14
N ALA A 43 18.88 -5.28 23.17
CA ALA A 43 18.04 -4.09 22.99
C ALA A 43 18.80 -2.82 23.38
N PRO A 44 18.62 -1.73 22.59
CA PRO A 44 19.22 -0.41 22.74
C PRO A 44 19.66 -0.01 24.16
N THR A 45 18.71 0.24 25.04
CA THR A 45 19.06 0.61 26.41
C THR A 45 20.06 -0.41 26.96
N GLY A 46 19.58 -1.63 27.21
CA GLY A 46 20.44 -2.68 27.73
C GLY A 46 19.78 -4.05 27.80
N GLY A 47 18.45 -4.07 27.65
CA GLY A 47 17.71 -5.33 27.70
C GLY A 47 17.69 -6.04 26.37
N HIS A 48 16.75 -6.96 26.21
CA HIS A 48 16.61 -7.71 24.97
C HIS A 48 15.19 -7.51 24.47
N PRO A 49 14.99 -7.61 23.15
CA PRO A 49 13.64 -7.43 22.58
C PRO A 49 12.55 -8.13 23.37
N VAL A 50 11.32 -7.60 23.24
CA VAL A 50 10.17 -8.13 23.93
C VAL A 50 8.99 -8.30 22.99
N VAL A 51 8.39 -9.48 23.02
CA VAL A 51 7.25 -9.77 22.15
C VAL A 51 6.03 -10.01 23.01
N GLN A 52 4.87 -9.55 22.53
CA GLN A 52 3.62 -9.71 23.23
C GLN A 52 2.44 -10.00 22.31
N LEU A 53 1.55 -10.86 22.79
CA LEU A 53 0.34 -11.24 22.07
C LEU A 53 -0.79 -10.40 22.67
N HIS A 54 -1.86 -10.21 21.92
CA HIS A 54 -2.97 -9.40 22.42
C HIS A 54 -4.35 -10.00 22.21
N GLY A 55 -5.05 -10.18 23.33
CA GLY A 55 -6.37 -10.75 23.31
C GLY A 55 -6.35 -12.26 23.47
N TYR A 56 -5.67 -12.75 24.50
CA TYR A 56 -5.66 -14.20 24.73
C TYR A 56 -5.95 -14.42 26.19
N MET A 57 -7.18 -14.81 26.49
CA MET A 57 -7.59 -15.02 27.87
C MET A 57 -7.48 -16.49 28.31
N GLU A 58 -7.77 -17.42 27.40
CA GLU A 58 -7.69 -18.85 27.71
C GLU A 58 -6.43 -19.07 28.57
N ASN A 59 -6.48 -19.97 29.54
CA ASN A 59 -5.33 -20.16 30.41
C ASN A 59 -4.24 -21.09 29.90
N LYS A 60 -4.44 -21.67 28.72
CA LYS A 60 -3.43 -22.56 28.16
C LYS A 60 -2.25 -21.68 27.72
N PRO A 61 -1.01 -22.15 27.96
CA PRO A 61 0.18 -21.38 27.56
C PRO A 61 0.47 -21.64 26.08
N LEU A 62 1.09 -20.66 25.40
CA LEU A 62 1.39 -20.82 23.97
C LEU A 62 2.85 -20.78 23.59
N GLY A 63 3.11 -21.14 22.34
CA GLY A 63 4.48 -21.16 21.85
C GLY A 63 4.80 -20.12 20.78
N LEU A 64 5.79 -19.28 21.06
CA LEU A 64 6.20 -18.25 20.10
C LEU A 64 7.43 -18.85 19.44
N GLN A 65 7.35 -19.06 18.13
CA GLN A 65 8.48 -19.64 17.41
C GLN A 65 9.30 -18.60 16.65
N ILE A 66 10.51 -18.34 17.17
CA ILE A 66 11.46 -17.37 16.62
C ILE A 66 12.33 -17.95 15.50
N PHE A 67 12.52 -17.18 14.43
CA PHE A 67 13.37 -17.63 13.34
C PHE A 67 13.94 -16.45 12.56
N ILE A 68 15.18 -16.59 12.09
CA ILE A 68 15.82 -15.51 11.36
C ILE A 68 15.46 -15.46 9.88
N GLY A 69 14.89 -14.34 9.47
CA GLY A 69 14.51 -14.16 8.08
C GLY A 69 15.11 -12.92 7.46
N THR A 70 14.91 -12.78 6.16
CA THR A 70 15.43 -11.66 5.39
C THR A 70 14.85 -10.30 5.81
N ALA A 71 15.33 -9.26 5.16
CA ALA A 71 14.88 -7.89 5.43
C ALA A 71 14.73 -7.20 4.08
N ASP A 72 15.87 -6.92 3.47
CA ASP A 72 15.90 -6.27 2.18
C ASP A 72 14.72 -6.71 1.29
N GLU A 73 13.82 -5.76 1.08
CA GLU A 73 12.61 -5.87 0.24
C GLU A 73 11.86 -7.20 0.12
N ARG A 74 11.06 -7.26 -0.94
CA ARG A 74 10.26 -8.43 -1.29
C ARG A 74 9.52 -9.10 -0.12
N ILE A 75 9.07 -10.32 -0.35
CA ILE A 75 8.37 -11.09 0.67
C ILE A 75 9.36 -11.51 1.73
N LEU A 76 8.94 -11.45 2.99
CA LEU A 76 9.79 -11.83 4.09
C LEU A 76 9.82 -13.34 4.22
N LYS A 77 11.02 -13.91 4.06
CA LYS A 77 11.19 -15.36 4.20
C LYS A 77 12.35 -15.67 5.15
N PRO A 78 12.62 -16.95 5.40
CA PRO A 78 13.75 -17.21 6.30
C PRO A 78 15.01 -16.84 5.54
N HIS A 79 16.05 -16.40 6.26
CA HIS A 79 17.30 -15.98 5.64
C HIS A 79 18.27 -17.16 5.38
N ALA A 80 18.52 -17.44 4.10
CA ALA A 80 19.39 -18.53 3.70
C ALA A 80 20.83 -18.48 4.24
N PHE A 81 21.26 -17.34 4.77
CA PHE A 81 22.64 -17.24 5.25
C PHE A 81 22.78 -17.11 6.75
N TYR A 82 21.66 -17.14 7.46
CA TYR A 82 21.70 -17.02 8.91
C TYR A 82 20.77 -18.03 9.57
N GLN A 83 21.10 -18.37 10.81
CA GLN A 83 20.30 -19.31 11.58
C GLN A 83 20.31 -18.78 12.98
N VAL A 84 19.22 -19.03 13.71
CA VAL A 84 19.11 -18.61 15.09
C VAL A 84 20.00 -19.53 15.86
N HIS A 85 20.43 -19.06 17.02
CA HIS A 85 21.31 -19.87 17.85
C HIS A 85 20.81 -19.92 19.27
N ARG A 86 20.36 -21.10 19.66
CA ARG A 86 19.83 -21.32 21.00
C ARG A 86 20.88 -20.89 22.02
N ILE A 87 20.44 -20.15 23.01
CA ILE A 87 21.32 -19.70 24.07
C ILE A 87 20.56 -20.02 25.36
N THR A 88 21.20 -20.80 26.23
CA THR A 88 20.61 -21.20 27.49
C THR A 88 21.63 -21.12 28.62
N GLY A 89 21.39 -21.89 29.67
CA GLY A 89 22.32 -21.93 30.79
C GLY A 89 22.13 -20.88 31.87
N LYS A 90 23.14 -20.79 32.73
CA LYS A 90 23.19 -19.86 33.87
C LYS A 90 22.16 -18.72 33.87
N THR A 91 22.43 -17.69 33.08
CA THR A 91 21.53 -16.54 33.00
C THR A 91 20.37 -16.93 32.10
N VAL A 92 19.89 -16.00 31.26
CA VAL A 92 18.80 -16.28 30.34
C VAL A 92 17.46 -16.58 31.02
N THR A 93 16.60 -15.58 31.07
CA THR A 93 15.30 -15.73 31.69
C THR A 93 14.39 -16.64 30.89
N THR A 94 14.21 -16.32 29.60
CA THR A 94 13.34 -17.10 28.72
C THR A 94 13.96 -18.41 28.26
N THR A 95 13.14 -19.47 28.31
CA THR A 95 13.57 -20.80 27.92
C THR A 95 13.12 -21.21 26.52
N SER A 96 13.78 -22.21 25.95
CA SER A 96 13.46 -22.64 24.59
C SER A 96 14.12 -23.91 24.13
N TYR A 97 13.43 -24.63 23.25
CA TYR A 97 13.93 -25.86 22.65
C TYR A 97 14.01 -25.57 21.15
N GLU A 98 15.00 -26.11 20.46
CA GLU A 98 15.08 -25.83 19.04
C GLU A 98 14.54 -26.96 18.17
N LYS A 99 14.32 -26.66 16.90
CA LYS A 99 13.82 -27.61 15.92
C LYS A 99 14.24 -27.07 14.56
N ILE A 100 14.14 -27.88 13.51
CA ILE A 100 14.54 -27.40 12.19
C ILE A 100 13.46 -27.77 11.19
N VAL A 101 12.86 -26.75 10.61
CA VAL A 101 11.80 -26.93 9.64
C VAL A 101 12.37 -26.71 8.25
N GLY A 102 11.90 -27.49 7.28
CA GLY A 102 12.38 -27.35 5.91
C GLY A 102 13.88 -27.32 5.92
N ASN A 103 14.46 -26.13 6.01
CA ASN A 103 15.91 -26.03 6.05
C ASN A 103 16.36 -24.93 7.01
N THR A 104 15.39 -24.36 7.71
CA THR A 104 15.60 -23.26 8.64
C THR A 104 15.55 -23.67 10.11
N LYS A 105 16.33 -23.02 10.96
CA LYS A 105 16.26 -23.37 12.37
C LYS A 105 15.19 -22.49 12.99
N VAL A 106 14.39 -23.07 13.89
CA VAL A 106 13.33 -22.34 14.54
C VAL A 106 13.30 -22.58 16.05
N LEU A 107 13.43 -21.52 16.82
CA LEU A 107 13.38 -21.66 18.27
C LEU A 107 11.97 -21.37 18.74
N GLU A 108 11.50 -22.12 19.73
CA GLU A 108 10.18 -21.86 20.26
C GLU A 108 10.30 -21.54 21.73
N ILE A 109 9.59 -20.52 22.18
CA ILE A 109 9.64 -20.14 23.57
C ILE A 109 8.24 -20.04 24.15
N PRO A 110 8.12 -20.22 25.47
CA PRO A 110 6.85 -20.16 26.20
C PRO A 110 6.17 -18.80 26.27
N LEU A 111 4.92 -18.77 25.83
CA LEU A 111 4.09 -17.59 25.86
C LEU A 111 3.02 -17.94 26.91
N GLU A 112 3.25 -17.53 28.16
CA GLU A 112 2.33 -17.86 29.25
C GLU A 112 1.46 -16.72 29.79
N PRO A 113 0.19 -17.03 30.15
CA PRO A 113 -0.77 -16.07 30.69
C PRO A 113 -0.32 -15.40 31.98
N LYS A 114 0.41 -16.14 32.80
CA LYS A 114 0.91 -15.59 34.07
C LYS A 114 1.80 -14.35 33.83
N ASN A 115 1.99 -14.00 32.56
CA ASN A 115 2.79 -12.84 32.15
C ASN A 115 2.07 -12.23 30.95
N ASN A 116 0.76 -12.07 31.10
CA ASN A 116 -0.09 -11.52 30.04
C ASN A 116 0.50 -11.79 28.65
N MET A 117 0.95 -13.02 28.46
CA MET A 117 1.52 -13.46 27.18
C MET A 117 2.59 -12.53 26.58
N ARG A 118 3.57 -12.13 27.38
CA ARG A 118 4.63 -11.27 26.91
C ARG A 118 5.98 -11.89 27.32
N ALA A 119 6.83 -12.16 26.33
CA ALA A 119 8.12 -12.77 26.62
C ALA A 119 9.30 -11.94 26.13
N THR A 120 10.39 -12.03 26.87
CA THR A 120 11.61 -11.31 26.50
C THR A 120 12.58 -12.25 25.78
N ILE A 121 12.75 -12.03 24.48
CA ILE A 121 13.63 -12.84 23.66
C ILE A 121 15.07 -12.61 24.08
N ASP A 122 15.44 -13.29 25.15
CA ASP A 122 16.74 -13.20 25.78
C ASP A 122 17.60 -14.44 25.46
N CYS A 123 17.07 -15.31 24.62
CA CYS A 123 17.76 -16.55 24.30
C CYS A 123 18.08 -16.83 22.84
N ALA A 124 18.18 -15.80 22.00
CA ALA A 124 18.46 -16.11 20.61
C ALA A 124 19.59 -15.33 19.95
N GLY A 125 20.72 -15.99 19.75
CA GLY A 125 21.85 -15.35 19.10
C GLY A 125 21.80 -15.62 17.59
N ILE A 126 22.69 -15.00 16.82
CA ILE A 126 22.67 -15.25 15.39
C ILE A 126 23.94 -15.95 14.91
N LEU A 127 23.75 -16.95 14.07
CA LEU A 127 24.83 -17.73 13.50
C LEU A 127 24.89 -17.49 11.99
N LYS A 128 26.10 -17.26 11.49
CA LYS A 128 26.31 -16.99 10.06
C LYS A 128 26.73 -18.25 9.32
N LEU A 129 26.12 -18.50 8.16
CA LEU A 129 26.47 -19.65 7.36
C LEU A 129 27.42 -19.16 6.29
N ARG A 130 28.41 -19.98 5.93
CA ARG A 130 29.37 -19.57 4.92
C ARG A 130 28.68 -19.40 3.56
N ASN A 131 28.66 -18.16 3.07
CA ASN A 131 28.06 -17.81 1.77
C ASN A 131 28.38 -18.89 0.74
N ALA A 132 29.62 -19.39 0.78
CA ALA A 132 30.03 -20.44 -0.13
C ALA A 132 29.09 -21.64 -0.04
N ASP A 133 29.01 -22.26 1.14
CA ASP A 133 28.17 -23.41 1.34
C ASP A 133 26.68 -23.22 0.97
N ILE A 134 26.13 -22.05 1.29
CA ILE A 134 24.72 -21.78 1.01
C ILE A 134 24.35 -21.30 -0.39
N GLU A 135 25.29 -20.73 -1.13
CA GLU A 135 24.97 -20.26 -2.48
C GLU A 135 24.93 -21.42 -3.47
N LEU A 136 25.72 -22.46 -3.18
CA LEU A 136 25.76 -23.62 -4.06
C LEU A 136 24.92 -24.79 -3.52
N ARG A 137 23.88 -24.47 -2.75
CA ARG A 137 23.01 -25.50 -2.19
C ARG A 137 22.08 -26.04 -3.28
N LYS A 138 20.93 -26.54 -2.88
CA LYS A 138 19.95 -27.10 -3.81
C LYS A 138 19.03 -26.01 -4.38
N GLY A 139 19.05 -25.87 -5.71
CA GLY A 139 18.23 -24.90 -6.41
C GLY A 139 17.97 -23.57 -5.72
N GLU A 140 19.02 -22.95 -5.19
CA GLU A 140 18.91 -21.67 -4.49
C GLU A 140 19.75 -20.62 -5.22
N THR A 141 19.22 -19.42 -5.39
CA THR A 141 19.98 -18.39 -6.08
C THR A 141 19.92 -17.03 -5.38
N ASP A 142 19.95 -17.03 -4.06
CA ASP A 142 19.93 -15.78 -3.31
C ASP A 142 21.35 -15.27 -3.14
N ILE A 143 21.53 -13.95 -3.24
CA ILE A 143 22.85 -13.36 -3.10
C ILE A 143 23.21 -13.33 -1.62
N GLY A 144 24.44 -13.72 -1.31
CA GLY A 144 24.88 -13.72 0.08
C GLY A 144 25.79 -12.54 0.38
N ARG A 145 26.60 -12.17 -0.60
CA ARG A 145 27.53 -11.05 -0.47
C ARG A 145 26.71 -9.79 -0.22
N LYS A 146 27.23 -8.89 0.61
CA LYS A 146 26.53 -7.65 0.93
C LYS A 146 25.21 -7.93 1.70
N ASN A 147 24.69 -9.16 1.57
CA ASN A 147 23.47 -9.50 2.28
C ASN A 147 23.87 -9.92 3.68
N THR A 148 23.72 -9.03 4.64
CA THR A 148 24.08 -9.36 6.00
C THR A 148 23.11 -8.75 6.98
N ARG A 149 21.97 -8.32 6.47
CA ARG A 149 20.93 -7.74 7.31
C ARG A 149 19.79 -8.73 7.46
N VAL A 150 19.32 -8.89 8.70
CA VAL A 150 18.26 -9.85 8.99
C VAL A 150 17.16 -9.27 9.85
N ARG A 151 16.16 -10.09 10.15
CA ARG A 151 15.04 -9.67 10.98
C ARG A 151 14.64 -10.77 11.95
N LEU A 152 14.37 -10.40 13.19
CA LEU A 152 13.94 -11.41 14.17
C LEU A 152 12.45 -11.64 13.95
N VAL A 153 12.10 -12.71 13.23
CA VAL A 153 10.69 -13.04 12.96
C VAL A 153 10.07 -13.85 14.11
N PHE A 154 8.83 -13.52 14.49
CA PHE A 154 8.13 -14.21 15.58
C PHE A 154 6.77 -14.74 15.13
N ARG A 155 6.46 -15.97 15.49
CA ARG A 155 5.20 -16.57 15.10
C ARG A 155 4.51 -17.27 16.24
N VAL A 156 3.19 -17.29 16.16
CA VAL A 156 2.37 -17.94 17.18
C VAL A 156 1.06 -18.38 16.52
N HIS A 157 0.64 -19.60 16.83
CA HIS A 157 -0.60 -20.14 16.27
C HIS A 157 -1.64 -20.26 17.36
N ILE A 158 -2.64 -19.38 17.32
CA ILE A 158 -3.67 -19.39 18.35
C ILE A 158 -4.70 -20.48 18.14
N PRO A 159 -4.93 -21.30 19.18
CA PRO A 159 -5.90 -22.40 19.15
C PRO A 159 -7.28 -21.92 19.61
N GLU A 160 -8.27 -21.96 18.70
CA GLU A 160 -9.63 -21.55 19.02
C GLU A 160 -10.53 -22.74 19.37
N SER A 161 -11.73 -22.46 19.86
CA SER A 161 -12.67 -23.51 20.22
C SER A 161 -13.18 -24.29 18.99
N SER A 162 -13.46 -23.57 17.90
CA SER A 162 -13.95 -24.18 16.67
C SER A 162 -12.89 -25.08 16.04
N GLY A 163 -11.75 -25.18 16.71
CA GLY A 163 -10.65 -26.01 16.21
C GLY A 163 -9.80 -25.24 15.22
N ARG A 164 -10.25 -24.02 14.90
CA ARG A 164 -9.55 -23.16 13.95
C ARG A 164 -8.29 -22.59 14.60
N ILE A 165 -7.28 -22.27 13.78
CA ILE A 165 -6.02 -21.71 14.26
C ILE A 165 -5.48 -20.62 13.35
N VAL A 166 -5.79 -19.37 13.65
CA VAL A 166 -5.29 -18.27 12.84
C VAL A 166 -3.82 -18.04 13.18
N SER A 167 -3.01 -17.89 12.14
CA SER A 167 -1.57 -17.71 12.32
C SER A 167 -1.08 -16.27 12.24
N LEU A 168 -0.38 -15.83 13.28
CA LEU A 168 0.16 -14.47 13.34
C LEU A 168 1.69 -14.42 13.26
N GLN A 169 2.21 -13.52 12.44
CA GLN A 169 3.64 -13.35 12.27
C GLN A 169 4.04 -11.90 12.46
N THR A 170 5.24 -11.67 12.98
CA THR A 170 5.74 -10.32 13.18
C THR A 170 6.88 -10.06 12.19
N ALA A 171 7.91 -9.36 12.68
CA ALA A 171 9.08 -9.03 11.88
C ALA A 171 9.76 -7.82 12.53
N SER A 172 10.87 -8.06 13.21
CA SER A 172 11.60 -6.98 13.87
C SER A 172 12.26 -6.05 12.85
N ASN A 173 12.79 -4.94 13.35
CA ASN A 173 13.47 -3.97 12.48
C ASN A 173 14.69 -4.63 11.88
N PRO A 174 15.18 -4.10 10.76
CA PRO A 174 16.36 -4.76 10.20
C PRO A 174 17.51 -4.68 11.20
N ILE A 175 18.34 -5.73 11.22
CA ILE A 175 19.51 -5.79 12.09
C ILE A 175 20.70 -5.95 11.17
N GLU A 176 21.80 -5.29 11.52
CA GLU A 176 23.02 -5.40 10.74
C GLU A 176 23.86 -6.44 11.45
N CYS A 177 24.17 -7.53 10.76
CA CYS A 177 24.94 -8.62 11.36
C CYS A 177 26.42 -8.63 11.08
N SER A 178 26.86 -7.84 10.11
CA SER A 178 28.26 -7.79 9.73
C SER A 178 29.13 -6.86 10.55
N GLN A 179 30.23 -7.38 11.08
CA GLN A 179 31.15 -6.56 11.87
C GLN A 179 31.63 -5.33 11.08
N ARG A 180 32.06 -5.54 9.85
CA ARG A 180 32.55 -4.44 9.00
C ARG A 180 31.47 -3.39 8.77
N SER A 181 30.30 -3.84 8.32
CA SER A 181 29.18 -2.91 8.09
C SER A 181 28.84 -2.12 9.33
N ALA A 182 28.68 -2.79 10.45
CA ALA A 182 28.34 -2.14 11.72
C ALA A 182 29.31 -1.02 12.06
N HIS A 183 30.55 -1.18 11.63
CA HIS A 183 31.60 -0.21 11.91
C HIS A 183 31.67 0.93 10.88
N GLU A 184 31.63 0.61 9.59
CA GLU A 184 31.72 1.63 8.55
C GLU A 184 30.44 2.23 7.96
N LEU A 185 29.28 1.65 8.27
CA LEU A 185 28.00 2.15 7.77
C LEU A 185 27.33 3.13 8.71
N PRO A 186 26.89 4.28 8.18
CA PRO A 186 26.23 5.36 8.92
C PRO A 186 24.98 4.88 9.66
N MET A 187 24.92 5.21 10.95
CA MET A 187 23.79 4.79 11.77
C MET A 187 23.09 5.97 12.44
N VAL A 188 21.76 5.98 12.35
CA VAL A 188 20.94 7.02 12.94
C VAL A 188 20.19 6.44 14.13
N GLU A 189 20.53 6.91 15.33
CA GLU A 189 19.89 6.41 16.55
C GLU A 189 18.65 7.17 16.97
N ARG A 190 18.84 8.40 17.45
CA ARG A 190 17.74 9.23 17.92
C ARG A 190 17.61 10.55 17.12
N GLN A 191 16.48 10.71 16.42
CA GLN A 191 16.23 11.91 15.63
C GLN A 191 16.22 13.19 16.47
N ASP A 192 15.17 13.98 16.30
CA ASP A 192 15.03 15.23 17.02
C ASP A 192 13.71 15.94 16.72
N THR A 193 13.40 16.10 15.43
CA THR A 193 12.15 16.73 15.02
C THR A 193 11.54 15.88 13.91
N ASP A 194 10.21 15.87 13.83
CA ASP A 194 9.54 15.07 12.80
C ASP A 194 8.67 15.85 11.81
N SER A 195 8.18 17.02 12.21
CA SER A 195 7.33 17.83 11.34
C SER A 195 7.92 19.15 10.88
N CYS A 196 7.36 19.68 9.79
CA CYS A 196 7.81 20.94 9.21
C CYS A 196 6.99 21.22 7.95
N LEU A 197 6.69 22.50 7.69
CA LEU A 197 5.94 22.86 6.51
C LEU A 197 6.75 22.55 5.25
N VAL A 198 6.06 22.30 4.14
CA VAL A 198 6.71 21.98 2.87
C VAL A 198 7.79 22.98 2.50
N TYR A 199 7.72 24.16 3.08
CA TYR A 199 8.69 25.20 2.80
C TYR A 199 10.09 24.79 3.22
N GLY A 200 10.19 24.20 4.42
CA GLY A 200 11.48 23.78 4.91
C GLY A 200 12.17 24.84 5.74
N GLY A 201 13.48 24.68 5.95
CA GLY A 201 14.22 25.65 6.72
C GLY A 201 14.08 25.49 8.22
N GLN A 202 14.60 24.39 8.75
CA GLN A 202 14.56 24.13 10.19
C GLN A 202 15.67 23.17 10.54
N GLN A 203 16.04 23.15 11.82
CA GLN A 203 17.09 22.25 12.27
C GLN A 203 16.48 20.98 12.85
N MET A 204 17.25 19.89 12.77
CA MET A 204 16.85 18.56 13.25
C MET A 204 18.13 17.82 13.64
N ILE A 205 18.58 17.98 14.88
CA ILE A 205 19.81 17.32 15.34
C ILE A 205 19.73 15.79 15.35
N LEU A 206 20.51 15.15 14.47
CA LEU A 206 20.54 13.70 14.36
C LEU A 206 21.69 13.11 15.17
N THR A 207 21.44 11.99 15.82
CA THR A 207 22.46 11.32 16.62
C THR A 207 22.55 9.84 16.25
N GLY A 208 23.77 9.31 16.27
CA GLY A 208 24.01 7.93 15.94
C GLY A 208 25.49 7.69 15.82
N GLN A 209 25.88 6.55 15.27
CA GLN A 209 27.29 6.24 15.13
C GLN A 209 27.76 6.44 13.69
N ASN A 210 29.07 6.35 13.51
CA ASN A 210 29.70 6.49 12.21
C ASN A 210 29.36 7.82 11.53
N PHE A 211 29.03 8.82 12.35
CA PHE A 211 28.72 10.16 11.86
C PHE A 211 30.05 10.91 11.80
N THR A 212 30.75 10.78 10.68
CA THR A 212 32.03 11.46 10.49
C THR A 212 31.84 12.98 10.44
N SER A 213 32.50 13.61 9.47
CA SER A 213 32.42 15.05 9.28
C SER A 213 32.13 15.30 7.80
N GLU A 214 32.21 14.22 7.01
CA GLU A 214 31.96 14.26 5.57
C GLU A 214 30.57 13.68 5.24
N SER A 215 29.75 13.51 6.28
CA SER A 215 28.41 12.96 6.14
C SER A 215 27.56 13.94 5.33
N LYS A 216 26.51 13.43 4.69
CA LYS A 216 25.63 14.29 3.90
C LYS A 216 24.23 13.73 3.75
N VAL A 217 23.35 14.13 4.67
CA VAL A 217 21.95 13.69 4.71
C VAL A 217 21.19 13.96 3.41
N VAL A 218 20.51 12.94 2.92
CA VAL A 218 19.74 13.04 1.68
C VAL A 218 18.27 12.72 1.90
N PHE A 219 17.40 13.45 1.21
CA PHE A 219 15.96 13.22 1.35
C PHE A 219 15.37 12.52 0.11
N THR A 220 14.33 11.73 0.33
CA THR A 220 13.69 11.00 -0.75
C THR A 220 12.23 10.59 -0.48
N GLU A 221 11.46 10.43 -1.57
CA GLU A 221 10.05 10.04 -1.51
C GLU A 221 9.80 8.78 -2.35
N LYS A 222 9.33 7.72 -1.69
CA LYS A 222 9.03 6.45 -2.36
C LYS A 222 7.53 6.29 -2.60
N THR A 223 7.16 5.25 -3.34
CA THR A 223 5.75 4.99 -3.65
C THR A 223 5.21 3.74 -2.96
N THR A 224 3.92 3.48 -3.16
CA THR A 224 3.25 2.32 -2.58
C THR A 224 3.83 1.06 -3.23
N ASP A 225 4.48 1.27 -4.39
CA ASP A 225 5.10 0.20 -5.16
C ASP A 225 6.60 0.10 -4.82
N GLY A 226 7.34 1.16 -5.13
CA GLY A 226 8.77 1.19 -4.86
C GLY A 226 9.53 1.96 -5.92
N GLN A 227 8.95 3.07 -6.36
CA GLN A 227 9.56 3.92 -7.38
C GLN A 227 10.15 5.15 -6.69
N GLN A 228 11.06 5.85 -7.37
CA GLN A 228 11.65 7.05 -6.78
C GLN A 228 11.19 8.27 -7.54
N ILE A 229 11.04 9.39 -6.83
CA ILE A 229 10.61 10.63 -7.44
C ILE A 229 11.28 11.85 -6.83
N TRP A 230 12.07 11.65 -5.78
CA TRP A 230 12.73 12.77 -5.14
C TRP A 230 13.99 12.44 -4.34
N GLU A 231 15.07 13.18 -4.64
CA GLU A 231 16.34 13.04 -3.96
C GLU A 231 16.94 14.44 -3.96
N MET A 232 16.76 15.14 -2.85
CA MET A 232 17.25 16.51 -2.68
C MET A 232 18.34 16.63 -1.63
N GLU A 233 19.53 17.05 -2.06
CA GLU A 233 20.64 17.23 -1.14
C GLU A 233 20.17 18.14 -0.01
N ALA A 234 20.36 17.71 1.23
CA ALA A 234 19.93 18.51 2.38
C ALA A 234 21.09 19.09 3.19
N THR A 235 21.88 19.95 2.56
CA THR A 235 23.03 20.62 3.16
C THR A 235 23.15 20.52 4.68
N VAL A 236 24.36 20.23 5.16
CA VAL A 236 24.61 20.09 6.59
C VAL A 236 25.73 21.00 7.13
N ALA A 237 26.19 20.69 8.34
CA ALA A 237 27.25 21.41 9.04
C ALA A 237 27.04 22.92 9.16
N ALA A 238 26.20 23.32 10.12
CA ALA A 238 25.94 24.74 10.35
C ALA A 238 27.25 25.39 10.78
N ALA A 239 28.19 24.55 11.20
CA ALA A 239 29.52 24.96 11.63
C ALA A 239 30.28 23.65 11.86
N ALA A 240 30.43 23.27 13.13
CA ALA A 240 31.09 22.03 13.49
C ALA A 240 29.98 21.00 13.80
N ALA A 241 30.04 20.41 14.99
CA ALA A 241 29.05 19.42 15.45
C ALA A 241 29.67 18.48 16.49
N ALA A 242 28.82 17.66 17.09
CA ALA A 242 29.29 16.69 18.08
C ALA A 242 29.77 15.47 17.27
N PRO A 243 30.92 14.88 17.66
CA PRO A 243 31.50 13.71 16.98
C PRO A 243 30.53 12.73 16.32
N ASN A 244 29.34 12.59 16.89
CA ASN A 244 28.34 11.68 16.34
C ASN A 244 26.93 12.29 16.29
N MET A 245 26.89 13.63 16.21
CA MET A 245 25.64 14.38 16.13
C MET A 245 25.65 15.09 14.77
N LEU A 246 24.48 15.42 14.24
CA LEU A 246 24.43 16.10 12.95
C LEU A 246 23.24 17.05 12.84
N PHE A 247 23.53 18.31 12.53
CA PHE A 247 22.53 19.36 12.41
C PHE A 247 22.31 19.66 10.93
N VAL A 248 21.20 19.18 10.39
CA VAL A 248 20.90 19.37 8.97
C VAL A 248 19.74 20.30 8.74
N GLU A 249 19.73 20.97 7.59
CA GLU A 249 18.64 21.87 7.24
C GLU A 249 17.63 21.12 6.41
N ILE A 250 16.40 21.01 6.92
CA ILE A 250 15.33 20.31 6.20
C ILE A 250 15.08 21.00 4.88
N PRO A 251 15.23 20.27 3.76
CA PRO A 251 15.02 20.80 2.41
C PRO A 251 13.63 21.37 2.16
N GLU A 252 13.30 21.54 0.89
CA GLU A 252 11.99 22.07 0.52
C GLU A 252 11.29 21.00 -0.30
N TYR A 253 10.19 20.48 0.24
CA TYR A 253 9.44 19.40 -0.41
C TYR A 253 9.14 19.62 -1.89
N ARG A 254 9.01 18.50 -2.60
CA ARG A 254 8.72 18.41 -4.03
C ARG A 254 8.09 19.63 -4.73
N ASN A 255 6.88 20.00 -4.32
CA ASN A 255 6.20 21.14 -4.94
C ASN A 255 5.51 22.10 -3.98
N LYS A 256 5.58 21.80 -2.68
CA LYS A 256 4.98 22.64 -1.63
C LYS A 256 3.50 22.93 -1.83
N HIS A 257 2.93 22.37 -2.90
CA HIS A 257 1.51 22.55 -3.21
C HIS A 257 0.75 21.31 -2.78
N ILE A 258 0.69 21.06 -1.48
CA ILE A 258 0.00 19.88 -0.96
C ILE A 258 -1.02 20.22 0.13
N ARG A 259 -2.23 19.66 -0.01
CA ARG A 259 -3.31 19.89 0.94
C ARG A 259 -3.26 18.88 2.08
N THR A 260 -2.71 17.70 1.78
CA THR A 260 -2.61 16.62 2.76
C THR A 260 -1.16 16.28 3.10
N PRO A 261 -0.82 16.32 4.41
CA PRO A 261 0.54 16.02 4.87
C PRO A 261 1.16 14.79 4.20
N VAL A 262 2.49 14.81 4.12
CA VAL A 262 3.25 13.72 3.50
C VAL A 262 4.41 13.22 4.37
N LYS A 263 4.42 11.92 4.63
CA LYS A 263 5.47 11.27 5.39
C LYS A 263 6.60 11.01 4.39
N VAL A 264 7.85 11.18 4.82
CA VAL A 264 8.97 10.98 3.92
C VAL A 264 10.17 10.24 4.53
N ASN A 265 11.07 9.79 3.66
CA ASN A 265 12.26 9.06 4.09
C ASN A 265 13.57 9.78 3.76
N PHE A 266 14.50 9.76 4.71
CA PHE A 266 15.80 10.40 4.53
C PHE A 266 16.90 9.58 5.21
N TYR A 267 17.97 9.33 4.47
CA TYR A 267 19.08 8.55 4.99
C TYR A 267 20.36 9.37 5.13
N VAL A 268 21.44 8.69 5.47
CA VAL A 268 22.76 9.31 5.64
C VAL A 268 23.75 8.50 4.81
N ILE A 269 24.48 9.15 3.92
CA ILE A 269 25.44 8.44 3.09
C ILE A 269 26.86 9.00 3.20
N ASN A 270 27.69 8.33 4.00
CA ASN A 270 29.07 8.75 4.18
C ASN A 270 29.86 8.55 2.89
N GLY A 271 30.53 7.42 2.78
CA GLY A 271 31.31 7.12 1.59
C GLY A 271 30.42 6.97 0.38
N LYS A 272 31.02 6.99 -0.81
CA LYS A 272 30.31 6.86 -2.08
C LYS A 272 29.29 5.70 -2.11
N ARG A 273 29.34 4.82 -1.11
CA ARG A 273 28.41 3.69 -1.04
C ARG A 273 27.89 3.52 0.38
N LYS A 274 28.74 3.80 1.37
CA LYS A 274 28.39 3.66 2.78
C LYS A 274 27.13 4.43 3.15
N ARG A 275 25.97 3.86 2.80
CA ARG A 275 24.69 4.48 3.08
C ARG A 275 24.15 4.04 4.44
N SER A 276 23.14 4.75 4.92
CA SER A 276 22.51 4.42 6.19
C SER A 276 21.13 3.87 5.87
N GLN A 277 20.41 3.46 6.91
CA GLN A 277 19.08 2.92 6.71
C GLN A 277 18.04 4.05 6.68
N PRO A 278 17.10 4.01 5.72
CA PRO A 278 16.06 5.04 5.58
C PRO A 278 15.39 5.43 6.90
N GLN A 279 14.99 6.70 6.99
CA GLN A 279 14.33 7.22 8.18
C GLN A 279 12.92 7.72 7.85
N HIS A 280 12.29 8.35 8.83
CA HIS A 280 10.93 8.85 8.65
C HIS A 280 10.79 10.32 9.06
N PHE A 281 10.05 11.09 8.28
CA PHE A 281 9.81 12.50 8.55
C PHE A 281 8.44 12.86 8.00
N THR A 282 7.81 13.87 8.58
CA THR A 282 6.49 14.27 8.13
C THR A 282 6.33 15.76 7.79
N TYR A 283 5.91 16.02 6.55
CA TYR A 283 5.66 17.38 6.10
C TYR A 283 4.22 17.72 6.43
N HIS A 284 3.85 18.99 6.26
CA HIS A 284 2.49 19.40 6.55
C HIS A 284 1.81 20.06 5.35
N PRO A 285 0.47 20.19 5.40
CA PRO A 285 -0.26 20.81 4.29
C PRO A 285 0.16 22.23 3.98
N VAL A 286 -0.48 22.80 2.96
CA VAL A 286 -0.21 24.16 2.51
C VAL A 286 -0.26 25.20 3.64
N MET B 1 22.95 -13.52 -39.59
CA MET B 1 23.94 -14.44 -40.23
C MET B 1 24.14 -15.69 -39.36
N ARG B 2 25.08 -15.59 -38.43
CA ARG B 2 25.40 -16.68 -37.52
C ARG B 2 26.72 -16.38 -36.79
N PRO B 3 26.85 -15.15 -36.24
CA PRO B 3 28.10 -14.83 -35.55
C PRO B 3 28.34 -15.71 -34.32
N PRO B 4 29.60 -15.99 -34.00
CA PRO B 4 29.91 -16.83 -32.85
C PRO B 4 29.60 -16.10 -31.55
N PHE B 5 29.45 -16.83 -30.46
CA PHE B 5 29.14 -16.19 -29.19
C PHE B 5 30.36 -15.54 -28.57
N THR B 6 30.17 -14.33 -28.07
CA THR B 6 31.24 -13.60 -27.43
C THR B 6 30.87 -13.41 -25.97
N TYR B 7 31.88 -13.16 -25.13
CA TYR B 7 31.63 -12.94 -23.71
C TYR B 7 30.63 -11.79 -23.56
N ALA B 8 30.77 -10.75 -24.37
CA ALA B 8 29.86 -9.62 -24.28
C ALA B 8 28.42 -10.08 -24.50
N THR B 9 28.20 -10.81 -25.58
CA THR B 9 26.87 -11.29 -25.90
C THR B 9 26.25 -12.21 -24.87
N LEU B 10 26.99 -13.18 -24.37
CA LEU B 10 26.46 -14.03 -23.33
C LEU B 10 26.19 -13.21 -22.07
N ILE B 11 27.14 -12.38 -21.69
CA ILE B 11 26.95 -11.57 -20.50
C ILE B 11 25.69 -10.75 -20.57
N ARG B 12 25.51 -10.06 -21.70
CA ARG B 12 24.32 -9.24 -21.92
C ARG B 12 23.08 -10.11 -21.67
N TRP B 13 23.07 -11.28 -22.30
CA TRP B 13 21.97 -12.20 -22.17
C TRP B 13 21.72 -12.68 -20.73
N ALA B 14 22.78 -13.04 -20.02
CA ALA B 14 22.60 -13.50 -18.64
C ALA B 14 21.92 -12.41 -17.81
N ILE B 15 22.36 -11.17 -17.98
CA ILE B 15 21.79 -10.07 -17.25
C ILE B 15 20.36 -9.73 -17.69
N LEU B 16 20.15 -9.51 -18.98
CA LEU B 16 18.82 -9.14 -19.46
C LEU B 16 17.76 -10.18 -19.12
N GLU B 17 18.18 -11.44 -19.11
CA GLU B 17 17.30 -12.55 -18.80
C GLU B 17 17.22 -12.72 -17.30
N ALA B 18 17.07 -11.59 -16.61
CA ALA B 18 16.96 -11.58 -15.17
C ALA B 18 15.66 -10.84 -14.90
N PRO B 19 15.00 -11.17 -13.79
CA PRO B 19 13.73 -10.51 -13.46
C PRO B 19 13.74 -9.00 -13.66
N GLU B 20 14.69 -8.32 -13.02
CA GLU B 20 14.80 -6.86 -13.09
C GLU B 20 15.92 -6.36 -13.99
N LYS B 21 16.42 -7.20 -14.89
CA LYS B 21 17.51 -6.83 -15.80
C LYS B 21 18.78 -6.32 -15.12
N GLN B 22 19.25 -7.05 -14.12
CA GLN B 22 20.46 -6.68 -13.38
C GLN B 22 20.87 -7.83 -12.46
N ARG B 23 22.17 -8.15 -12.41
CA ARG B 23 22.64 -9.21 -11.53
C ARG B 23 24.06 -8.99 -11.01
N THR B 24 24.40 -9.72 -9.95
CA THR B 24 25.70 -9.65 -9.29
C THR B 24 26.73 -10.42 -10.11
N LEU B 25 27.99 -10.13 -9.89
CA LEU B 25 29.03 -10.83 -10.61
C LEU B 25 28.82 -12.31 -10.33
N ASN B 26 28.57 -12.63 -9.08
CA ASN B 26 28.39 -14.02 -8.76
C ASN B 26 27.21 -14.67 -9.47
N GLU B 27 26.12 -13.93 -9.65
CA GLU B 27 24.94 -14.47 -10.32
C GLU B 27 25.26 -14.76 -11.78
N ILE B 28 26.09 -13.92 -12.39
CA ILE B 28 26.49 -14.13 -13.76
C ILE B 28 27.37 -15.40 -13.80
N TYR B 29 28.19 -15.61 -12.78
CA TYR B 29 28.99 -16.83 -12.77
C TYR B 29 28.02 -17.99 -12.76
N HIS B 30 27.02 -17.94 -11.89
CA HIS B 30 26.05 -19.03 -11.79
C HIS B 30 25.41 -19.37 -13.12
N TRP B 31 24.94 -18.33 -13.80
CA TRP B 31 24.31 -18.52 -15.08
C TRP B 31 25.26 -19.28 -16.00
N PHE B 32 26.48 -18.78 -16.16
CA PHE B 32 27.45 -19.46 -17.03
C PHE B 32 27.65 -20.94 -16.69
N THR B 33 27.67 -21.21 -15.40
CA THR B 33 27.85 -22.55 -14.89
C THR B 33 26.75 -23.49 -15.39
N ARG B 34 25.50 -23.10 -15.20
CA ARG B 34 24.40 -23.95 -15.63
C ARG B 34 24.50 -24.17 -17.13
N MET B 35 25.10 -23.22 -17.83
CA MET B 35 25.25 -23.38 -19.26
C MET B 35 26.37 -24.40 -19.51
N PHE B 36 27.46 -24.30 -18.74
CA PHE B 36 28.58 -25.26 -18.84
C PHE B 36 28.02 -26.62 -18.51
N ALA B 37 27.24 -26.67 -17.43
CA ALA B 37 26.65 -27.91 -16.96
C ALA B 37 25.60 -28.50 -17.89
N PHE B 38 25.58 -28.06 -19.13
CA PHE B 38 24.64 -28.58 -20.10
C PHE B 38 25.46 -28.86 -21.33
N PHE B 39 26.16 -27.85 -21.79
CA PHE B 39 26.97 -27.97 -22.99
C PHE B 39 28.30 -28.70 -22.76
N ARG B 40 28.19 -29.86 -22.12
CA ARG B 40 29.33 -30.73 -21.80
C ARG B 40 28.71 -32.07 -21.35
N ASN B 41 27.38 -32.07 -21.29
CA ASN B 41 26.58 -33.23 -20.89
C ASN B 41 25.47 -33.50 -21.90
N HIS B 42 25.44 -32.71 -22.97
CA HIS B 42 24.45 -32.87 -24.01
C HIS B 42 24.62 -34.25 -24.63
N PRO B 43 23.52 -34.98 -24.82
CA PRO B 43 23.68 -36.30 -25.40
C PRO B 43 24.01 -36.16 -26.88
N ALA B 44 24.56 -37.21 -27.47
CA ALA B 44 24.88 -37.19 -28.88
C ALA B 44 23.56 -37.36 -29.62
N THR B 45 22.49 -36.96 -28.96
CA THR B 45 21.14 -37.05 -29.51
C THR B 45 20.29 -35.89 -29.01
N TRP B 46 20.84 -34.68 -29.09
CA TRP B 46 20.10 -33.51 -28.63
C TRP B 46 19.04 -32.98 -29.61
N LYS B 47 19.34 -33.01 -30.89
CA LYS B 47 18.37 -32.51 -31.87
C LYS B 47 17.03 -33.21 -31.66
N ASN B 48 17.07 -34.51 -31.40
CA ASN B 48 15.85 -35.26 -31.19
C ASN B 48 15.20 -34.63 -29.98
N ALA B 49 16.00 -34.35 -28.97
CA ALA B 49 15.50 -33.75 -27.74
C ALA B 49 14.83 -32.42 -28.02
N ILE B 50 15.40 -31.65 -28.95
CA ILE B 50 14.83 -30.35 -29.30
C ILE B 50 13.53 -30.50 -30.06
N ARG B 51 13.52 -31.36 -31.06
CA ARG B 51 12.31 -31.57 -31.82
C ARG B 51 11.24 -32.01 -30.83
N HIS B 52 11.62 -32.94 -29.96
CA HIS B 52 10.71 -33.49 -28.96
C HIS B 52 10.04 -32.45 -28.12
N ASN B 53 10.84 -31.51 -27.62
CA ASN B 53 10.38 -30.44 -26.77
C ASN B 53 9.52 -29.41 -27.48
N LEU B 54 9.83 -29.15 -28.74
CA LEU B 54 9.08 -28.15 -29.50
C LEU B 54 7.61 -28.44 -29.62
N SER B 55 7.26 -29.67 -29.93
CA SER B 55 5.86 -29.96 -30.04
C SER B 55 5.30 -30.39 -28.71
N LEU B 56 6.04 -31.23 -28.00
CA LEU B 56 5.56 -31.72 -26.71
C LEU B 56 5.02 -30.62 -25.86
N HIS B 57 5.74 -29.52 -25.75
CA HIS B 57 5.31 -28.40 -24.91
C HIS B 57 4.40 -27.42 -25.60
N LYS B 58 3.33 -27.01 -24.93
CA LYS B 58 2.37 -26.06 -25.49
C LYS B 58 2.92 -24.66 -25.54
N CYS B 59 4.16 -24.45 -25.14
CA CYS B 59 4.68 -23.09 -25.17
C CYS B 59 5.42 -22.78 -26.43
N PHE B 60 5.61 -23.78 -27.29
CA PHE B 60 6.33 -23.58 -28.55
C PHE B 60 5.36 -23.83 -29.68
N VAL B 61 4.87 -22.75 -30.28
CA VAL B 61 3.93 -22.87 -31.39
C VAL B 61 4.60 -22.65 -32.74
N ARG B 62 4.27 -23.50 -33.70
CA ARG B 62 4.80 -23.40 -35.05
C ARG B 62 3.82 -22.55 -35.84
N VAL B 63 4.34 -21.58 -36.59
CA VAL B 63 3.48 -20.71 -37.38
C VAL B 63 3.98 -20.74 -38.82
N GLU B 64 3.05 -20.53 -39.76
CA GLU B 64 3.37 -20.56 -41.18
C GLU B 64 3.88 -19.22 -41.68
N SER B 65 4.11 -18.31 -40.76
CA SER B 65 4.58 -16.97 -41.10
C SER B 65 5.82 -16.90 -42.01
N GLU B 66 6.07 -15.69 -42.48
CA GLU B 66 7.20 -15.35 -43.36
C GLU B 66 7.68 -16.43 -44.33
N LYS B 67 8.98 -16.41 -44.61
CA LYS B 67 9.66 -17.33 -45.51
C LYS B 67 9.14 -18.77 -45.44
N GLY B 68 9.29 -19.41 -44.28
CA GLY B 68 8.83 -20.78 -44.11
C GLY B 68 8.27 -20.99 -42.70
N ALA B 69 7.94 -22.23 -42.37
CA ALA B 69 7.40 -22.54 -41.04
C ALA B 69 8.47 -22.22 -40.03
N VAL B 70 8.09 -21.49 -38.99
CA VAL B 70 9.05 -21.10 -37.97
C VAL B 70 8.49 -21.36 -36.58
N TRP B 71 9.38 -21.48 -35.61
CA TRP B 71 8.96 -21.72 -34.25
C TRP B 71 8.86 -20.43 -33.44
N THR B 72 7.97 -20.41 -32.46
CA THR B 72 7.78 -19.21 -31.64
C THR B 72 7.36 -19.53 -30.22
N VAL B 73 7.57 -18.60 -29.31
CA VAL B 73 7.17 -18.85 -27.94
C VAL B 73 5.93 -18.09 -27.54
N ASP B 74 4.98 -18.85 -27.00
CA ASP B 74 3.74 -18.33 -26.49
C ASP B 74 4.13 -17.94 -25.08
N GLU B 75 4.68 -16.73 -24.95
CA GLU B 75 5.15 -16.25 -23.66
C GLU B 75 4.34 -16.63 -22.43
N LEU B 76 3.10 -16.18 -22.36
CA LEU B 76 2.24 -16.45 -21.20
C LEU B 76 2.06 -17.91 -20.87
N GLU B 77 2.03 -18.76 -21.91
CA GLU B 77 1.87 -20.21 -21.71
C GLU B 77 3.16 -20.79 -21.13
N PHE B 78 4.28 -20.17 -21.50
CA PHE B 78 5.59 -20.60 -21.02
C PHE B 78 5.72 -20.20 -19.56
N ARG B 79 5.30 -18.97 -19.28
CA ARG B 79 5.35 -18.39 -17.95
C ARG B 79 4.52 -19.24 -16.98
N LYS B 80 3.44 -19.84 -17.48
CA LYS B 80 2.60 -20.69 -16.65
C LYS B 80 3.41 -21.88 -16.13
N LYS B 81 3.96 -22.65 -17.08
CA LYS B 81 4.77 -23.84 -16.80
C LYS B 81 5.55 -23.75 -15.48
N ARG B 82 6.38 -22.71 -15.34
CA ARG B 82 7.20 -22.49 -14.16
C ARG B 82 6.53 -22.88 -12.83
N MET C 1 27.37 -29.42 -8.30
CA MET C 1 26.20 -30.20 -8.81
C MET C 1 25.13 -29.29 -9.44
N ARG C 2 25.57 -28.25 -10.15
CA ARG C 2 24.68 -27.29 -10.79
C ARG C 2 23.74 -27.89 -11.84
N PRO C 3 22.42 -27.71 -11.67
CA PRO C 3 21.42 -28.24 -12.61
C PRO C 3 21.46 -27.45 -13.91
N PRO C 4 21.34 -28.15 -15.05
CA PRO C 4 21.37 -27.38 -16.30
C PRO C 4 20.00 -26.89 -16.70
N PHE C 5 19.98 -25.70 -17.29
CA PHE C 5 18.76 -25.15 -17.80
C PHE C 5 18.16 -26.27 -18.65
N THR C 6 16.88 -26.53 -18.47
CA THR C 6 16.21 -27.56 -19.24
C THR C 6 16.15 -27.14 -20.70
N TYR C 7 15.73 -28.07 -21.56
CA TYR C 7 15.63 -27.78 -22.97
C TYR C 7 14.72 -26.59 -23.25
N ALA C 8 13.51 -26.60 -22.71
CA ALA C 8 12.58 -25.51 -22.95
C ALA C 8 13.22 -24.15 -22.70
N THR C 9 13.95 -24.05 -21.60
CA THR C 9 14.61 -22.80 -21.27
C THR C 9 15.56 -22.47 -22.41
N LEU C 10 16.41 -23.42 -22.77
CA LEU C 10 17.37 -23.17 -23.83
C LEU C 10 16.66 -22.90 -25.17
N ILE C 11 15.74 -23.78 -25.55
CA ILE C 11 15.02 -23.63 -26.81
C ILE C 11 14.36 -22.26 -26.89
N ARG C 12 13.78 -21.80 -25.77
CA ARG C 12 13.15 -20.48 -25.76
C ARG C 12 14.20 -19.40 -26.04
N TRP C 13 15.31 -19.44 -25.31
CA TRP C 13 16.33 -18.44 -25.54
C TRP C 13 16.73 -18.42 -27.01
N ALA C 14 16.89 -19.59 -27.60
CA ALA C 14 17.30 -19.65 -28.99
C ALA C 14 16.30 -18.99 -29.91
N ILE C 15 15.03 -19.00 -29.51
CA ILE C 15 14.04 -18.37 -30.36
C ILE C 15 14.06 -16.86 -30.12
N LEU C 16 14.46 -16.44 -28.92
CA LEU C 16 14.52 -15.01 -28.63
C LEU C 16 15.84 -14.35 -29.06
N GLU C 17 16.90 -15.14 -29.16
CA GLU C 17 18.22 -14.68 -29.59
C GLU C 17 18.07 -14.23 -31.03
N ALA C 18 16.83 -14.25 -31.51
CA ALA C 18 16.53 -13.85 -32.87
C ALA C 18 15.54 -12.69 -32.80
N PRO C 19 15.96 -11.52 -33.32
CA PRO C 19 15.11 -10.32 -33.32
C PRO C 19 13.65 -10.56 -33.70
N GLU C 20 13.45 -11.47 -34.66
CA GLU C 20 12.11 -11.80 -35.14
C GLU C 20 11.21 -12.46 -34.07
N LYS C 21 11.85 -12.95 -33.00
CA LYS C 21 11.14 -13.63 -31.91
C LYS C 21 10.49 -14.90 -32.43
N GLN C 22 11.09 -15.42 -33.50
CA GLN C 22 10.64 -16.63 -34.16
C GLN C 22 11.79 -17.19 -35.02
N ARG C 23 12.01 -18.50 -34.93
CA ARG C 23 13.08 -19.14 -35.70
C ARG C 23 12.66 -20.49 -36.29
N THR C 24 13.48 -21.00 -37.21
CA THR C 24 13.23 -22.28 -37.84
C THR C 24 13.99 -23.33 -37.07
N LEU C 25 13.59 -24.59 -37.24
CA LEU C 25 14.22 -25.69 -36.54
C LEU C 25 15.73 -25.71 -36.75
N ASN C 26 16.17 -25.47 -37.97
CA ASN C 26 17.59 -25.49 -38.25
C ASN C 26 18.32 -24.36 -37.52
N GLU C 27 17.74 -23.17 -37.55
CA GLU C 27 18.32 -22.04 -36.86
C GLU C 27 18.48 -22.40 -35.38
N ILE C 28 17.44 -22.93 -34.76
CA ILE C 28 17.53 -23.31 -33.36
C ILE C 28 18.73 -24.21 -33.18
N TYR C 29 18.87 -25.22 -34.04
CA TYR C 29 20.02 -26.13 -33.96
C TYR C 29 21.33 -25.35 -33.96
N HIS C 30 21.44 -24.37 -34.85
CA HIS C 30 22.66 -23.58 -34.93
C HIS C 30 22.89 -22.72 -33.71
N TRP C 31 21.81 -22.34 -33.03
CA TRP C 31 21.97 -21.55 -31.82
C TRP C 31 22.63 -22.48 -30.81
N PHE C 32 22.16 -23.72 -30.74
CA PHE C 32 22.76 -24.69 -29.84
C PHE C 32 24.20 -25.00 -30.21
N THR C 33 24.47 -25.15 -31.50
CA THR C 33 25.81 -25.46 -31.94
C THR C 33 26.76 -24.35 -31.54
N ARG C 34 26.36 -23.10 -31.77
CA ARG C 34 27.20 -21.97 -31.39
C ARG C 34 27.48 -22.00 -29.89
N MET C 35 26.50 -22.41 -29.12
CA MET C 35 26.70 -22.47 -27.68
C MET C 35 27.67 -23.58 -27.33
N PHE C 36 27.63 -24.69 -28.07
CA PHE C 36 28.55 -25.80 -27.78
C PHE C 36 29.95 -25.29 -28.12
N ALA C 37 30.03 -24.61 -29.26
CA ALA C 37 31.30 -24.07 -29.73
C ALA C 37 31.91 -23.25 -28.62
N PHE C 38 31.13 -22.33 -28.06
CA PHE C 38 31.63 -21.49 -27.01
C PHE C 38 32.17 -22.23 -25.80
N PHE C 39 31.29 -22.80 -25.00
CA PHE C 39 31.72 -23.47 -23.79
C PHE C 39 32.77 -24.54 -23.94
N ARG C 40 33.01 -24.97 -25.17
CA ARG C 40 34.01 -25.98 -25.44
C ARG C 40 35.36 -25.30 -25.54
N ASN C 41 35.40 -24.19 -26.26
CA ASN C 41 36.61 -23.41 -26.45
C ASN C 41 37.09 -22.58 -25.26
N HIS C 42 36.17 -22.19 -24.38
CA HIS C 42 36.54 -21.36 -23.25
C HIS C 42 36.22 -22.02 -21.92
N PRO C 43 36.80 -23.20 -21.67
CA PRO C 43 36.53 -23.86 -20.39
C PRO C 43 37.68 -23.63 -19.41
N ALA C 44 38.45 -22.57 -19.65
CA ALA C 44 39.61 -22.26 -18.84
C ALA C 44 39.41 -21.32 -17.66
N THR C 45 39.69 -20.05 -17.88
CA THR C 45 39.60 -19.02 -16.84
C THR C 45 38.47 -18.02 -17.09
N TRP C 46 37.37 -18.53 -17.66
CA TRP C 46 36.19 -17.74 -17.97
C TRP C 46 35.78 -16.71 -16.91
N LYS C 47 35.67 -17.14 -15.64
CA LYS C 47 35.28 -16.23 -14.57
C LYS C 47 36.11 -14.96 -14.61
N ASN C 48 37.35 -15.07 -15.06
CA ASN C 48 38.19 -13.90 -15.14
C ASN C 48 37.68 -13.09 -16.34
N ALA C 49 37.46 -13.75 -17.47
CA ALA C 49 36.99 -13.04 -18.65
C ALA C 49 35.66 -12.34 -18.42
N ILE C 50 34.95 -12.76 -17.37
CA ILE C 50 33.68 -12.12 -17.07
C ILE C 50 33.90 -10.83 -16.27
N ARG C 51 34.91 -10.81 -15.40
CA ARG C 51 35.16 -9.57 -14.67
C ARG C 51 35.72 -8.58 -15.68
N HIS C 52 36.66 -9.07 -16.49
CA HIS C 52 37.29 -8.25 -17.50
C HIS C 52 36.23 -7.59 -18.33
N ASN C 53 35.48 -8.40 -19.06
CA ASN C 53 34.45 -7.88 -19.94
C ASN C 53 33.50 -6.87 -19.36
N LEU C 54 33.07 -7.08 -18.12
CA LEU C 54 32.15 -6.14 -17.49
C LEU C 54 32.81 -4.76 -17.33
N SER C 55 34.14 -4.73 -17.19
CA SER C 55 34.84 -3.48 -17.00
C SER C 55 35.27 -2.83 -18.29
N LEU C 56 35.76 -3.63 -19.22
CA LEU C 56 36.22 -3.08 -20.47
C LEU C 56 35.06 -2.41 -21.18
N HIS C 57 34.07 -3.21 -21.54
CA HIS C 57 32.91 -2.71 -22.25
C HIS C 57 32.18 -1.65 -21.47
N LYS C 58 31.79 -0.60 -22.18
CA LYS C 58 31.06 0.51 -21.58
C LYS C 58 29.58 0.18 -21.40
N CYS C 59 29.07 -0.75 -22.21
CA CYS C 59 27.66 -1.14 -22.10
C CYS C 59 27.29 -1.87 -20.81
N PHE C 60 28.26 -2.17 -19.97
CA PHE C 60 27.96 -2.83 -18.70
C PHE C 60 28.26 -1.80 -17.62
N VAL C 61 27.20 -1.21 -17.08
CA VAL C 61 27.33 -0.17 -16.07
C VAL C 61 26.97 -0.69 -14.70
N ARG C 62 27.93 -0.65 -13.80
CA ARG C 62 27.70 -1.12 -12.45
C ARG C 62 26.91 -0.04 -11.74
N VAL C 63 25.80 -0.41 -11.10
CA VAL C 63 24.98 0.58 -10.40
C VAL C 63 24.81 0.19 -8.95
N GLU C 64 24.78 1.21 -8.10
CA GLU C 64 24.64 1.00 -6.67
C GLU C 64 23.19 0.71 -6.29
N SER C 65 23.03 -0.03 -5.20
CA SER C 65 21.70 -0.39 -4.71
C SER C 65 21.66 -0.35 -3.20
N GLU C 66 20.46 -0.19 -2.66
CA GLU C 66 20.25 -0.15 -1.22
C GLU C 66 20.94 -1.35 -0.59
N LYS C 67 21.02 -2.45 -1.33
CA LYS C 67 21.66 -3.67 -0.83
C LYS C 67 23.14 -3.68 -1.18
N GLY C 68 23.43 -3.91 -2.46
CA GLY C 68 24.79 -3.94 -2.94
C GLY C 68 24.83 -3.47 -4.39
N ALA C 69 26.02 -3.42 -4.97
CA ALA C 69 26.12 -2.99 -6.36
C ALA C 69 25.69 -4.17 -7.21
N VAL C 70 25.30 -3.90 -8.45
CA VAL C 70 24.87 -4.96 -9.35
C VAL C 70 25.12 -4.50 -10.76
N TRP C 71 25.29 -5.44 -11.68
CA TRP C 71 25.57 -5.05 -13.05
C TRP C 71 24.32 -4.94 -13.90
N THR C 72 24.37 -4.02 -14.85
CA THR C 72 23.25 -3.79 -15.74
C THR C 72 23.76 -3.58 -17.14
N VAL C 73 22.88 -3.52 -18.12
CA VAL C 73 23.33 -3.32 -19.48
C VAL C 73 22.67 -2.16 -20.17
N ASP C 74 23.47 -1.18 -20.56
CA ASP C 74 22.99 0.00 -21.26
C ASP C 74 22.79 -0.39 -22.72
N GLU C 75 21.56 -0.75 -23.06
CA GLU C 75 21.22 -1.19 -24.40
C GLU C 75 21.53 -0.14 -25.46
N LEU C 76 21.60 1.12 -25.03
CA LEU C 76 21.88 2.20 -25.96
C LEU C 76 23.40 2.30 -26.16
N GLU C 77 24.14 2.23 -25.06
CA GLU C 77 25.60 2.33 -25.13
C GLU C 77 26.17 1.34 -26.12
N PHE C 78 25.34 0.42 -26.58
CA PHE C 78 25.79 -0.55 -27.57
C PHE C 78 25.60 0.08 -28.96
N ARG C 79 25.38 -0.75 -29.98
CA ARG C 79 25.17 -0.28 -31.34
C ARG C 79 26.40 0.43 -31.93
N LYS C 80 26.23 1.00 -33.12
CA LYS C 80 27.32 1.68 -33.83
C LYS C 80 27.39 3.20 -33.71
N LYS C 81 28.62 3.71 -33.77
CA LYS C 81 28.89 5.14 -33.70
C LYS C 81 29.81 5.45 -34.87
N ARG C 82 29.73 4.62 -35.90
CA ARG C 82 30.56 4.78 -37.09
C ARG C 82 30.50 6.19 -37.67
N SER F 1 0.51 24.12 19.95
CA SER F 1 -0.34 23.95 18.75
C SER F 1 -1.06 22.59 18.69
N SER F 2 -2.38 22.63 18.80
CA SER F 2 -3.20 21.41 18.75
C SER F 2 -3.07 20.73 17.39
N VAL F 3 -3.41 19.44 17.33
CA VAL F 3 -3.32 18.71 16.07
C VAL F 3 -4.69 18.62 15.39
N PRO F 4 -4.80 19.14 14.16
CA PRO F 4 -6.07 19.12 13.42
C PRO F 4 -6.56 17.69 13.23
N LEU F 5 -7.85 17.49 13.49
CA LEU F 5 -8.46 16.18 13.38
C LEU F 5 -8.40 15.56 11.99
N GLU F 6 -8.22 16.38 10.97
CA GLU F 6 -8.16 15.89 9.60
C GLU F 6 -6.84 15.16 9.34
N TRP F 7 -5.81 15.48 10.12
CA TRP F 7 -4.52 14.84 9.97
C TRP F 7 -4.54 13.40 10.42
N PRO F 8 -4.25 12.47 9.50
CA PRO F 8 -4.25 11.05 9.85
C PRO F 8 -3.05 10.82 10.75
N LEU F 9 -3.03 9.70 11.45
CA LEU F 9 -1.92 9.39 12.32
C LEU F 9 -1.79 7.88 12.38
N SER F 10 -0.63 7.42 12.80
CA SER F 10 -0.40 5.99 12.90
C SER F 10 -0.94 5.51 14.23
N SER F 11 -1.02 4.20 14.37
CA SER F 11 -1.53 3.56 15.58
C SER F 11 -0.36 3.31 16.53
N GLN F 12 0.85 3.42 15.98
CA GLN F 12 2.07 3.22 16.76
C GLN F 12 3.27 4.00 16.21
N SER F 13 4.18 4.38 17.12
CA SER F 13 5.38 5.11 16.77
C SER F 13 6.51 4.53 17.64
N GLY F 14 7.41 3.75 17.02
CA GLY F 14 8.50 3.17 17.79
C GLY F 14 8.06 2.08 18.76
N SER F 15 7.68 2.48 19.96
CA SER F 15 7.22 1.53 20.97
C SER F 15 5.82 1.87 21.44
N TYR F 16 5.33 3.01 20.98
CA TYR F 16 4.01 3.48 21.36
C TYR F 16 2.94 2.98 20.39
N GLU F 17 1.98 2.21 20.90
CA GLU F 17 0.92 1.72 20.01
C GLU F 17 -0.47 1.71 20.65
N LEU F 18 -1.38 2.47 20.05
CA LEU F 18 -2.77 2.57 20.51
C LEU F 18 -3.63 1.65 19.66
N ARG F 19 -4.16 0.60 20.27
CA ARG F 19 -4.95 -0.34 19.52
C ARG F 19 -6.32 -0.60 20.11
N ILE F 20 -7.28 -0.86 19.23
CA ILE F 20 -8.64 -1.14 19.65
C ILE F 20 -8.70 -2.65 19.92
N GLU F 21 -8.95 -3.03 21.18
CA GLU F 21 -9.03 -4.43 21.53
C GLU F 21 -10.28 -5.02 20.87
N VAL F 22 -11.43 -4.58 21.37
CA VAL F 22 -12.73 -5.03 20.85
C VAL F 22 -13.43 -3.94 20.07
N GLN F 23 -13.69 -4.24 18.80
CA GLN F 23 -14.38 -3.34 17.90
C GLN F 23 -15.86 -3.34 18.28
N PRO F 24 -16.60 -2.31 17.85
CA PRO F 24 -18.03 -2.15 18.14
C PRO F 24 -18.89 -3.02 17.23
N LYS F 25 -20.18 -3.09 17.54
CA LYS F 25 -21.11 -3.88 16.75
C LYS F 25 -21.20 -3.34 15.32
N PRO F 26 -21.52 -4.20 14.35
CA PRO F 26 -21.60 -3.72 12.96
C PRO F 26 -22.59 -2.57 12.75
N HIS F 27 -23.56 -2.40 13.66
CA HIS F 27 -24.52 -1.30 13.51
C HIS F 27 -25.09 -0.71 14.79
N HIS F 28 -25.19 0.62 14.81
CA HIS F 28 -25.75 1.37 15.93
C HIS F 28 -26.72 2.46 15.43
N ARG F 29 -27.97 2.34 15.85
CA ARG F 29 -28.98 3.29 15.42
C ARG F 29 -28.79 4.57 16.19
N ALA F 30 -28.34 5.59 15.46
CA ALA F 30 -28.11 6.90 16.05
C ALA F 30 -29.42 7.60 16.27
N HIS F 31 -29.42 8.53 17.22
CA HIS F 31 -30.61 9.30 17.53
C HIS F 31 -30.50 10.70 16.91
N TYR F 32 -31.64 11.33 16.68
CA TYR F 32 -31.66 12.69 16.14
C TYR F 32 -31.83 13.67 17.31
N GLU F 33 -31.44 14.92 17.11
CA GLU F 33 -31.58 15.90 18.18
C GLU F 33 -33.01 15.93 18.67
N THR F 34 -33.96 16.00 17.75
CA THR F 34 -35.36 16.06 18.13
C THR F 34 -35.81 14.87 18.96
N GLU F 35 -34.92 13.93 19.24
CA GLU F 35 -35.36 12.78 20.04
C GLU F 35 -34.52 12.44 21.26
N GLY F 36 -34.85 11.32 21.89
CA GLY F 36 -34.14 10.89 23.08
C GLY F 36 -32.82 10.24 22.72
N SER F 37 -32.03 9.90 23.71
CA SER F 37 -30.76 9.24 23.43
C SER F 37 -31.03 7.80 23.13
N ARG F 38 -30.37 7.30 22.08
CA ARG F 38 -30.53 5.91 21.72
C ARG F 38 -29.29 5.13 22.15
N GLY F 39 -29.04 5.17 23.45
CA GLY F 39 -27.92 4.45 24.06
C GLY F 39 -26.49 4.63 23.56
N ALA F 40 -25.58 3.89 24.17
CA ALA F 40 -24.17 3.95 23.81
C ALA F 40 -23.83 2.89 22.78
N VAL F 41 -22.77 3.12 22.01
CA VAL F 41 -22.28 2.18 21.01
C VAL F 41 -21.89 0.92 21.78
N LYS F 42 -22.27 -0.25 21.27
CA LYS F 42 -21.95 -1.51 21.95
C LYS F 42 -21.03 -2.50 21.22
N ALA F 43 -20.71 -3.59 21.91
CA ALA F 43 -19.85 -4.64 21.36
C ALA F 43 -20.62 -5.95 21.18
N PRO F 44 -20.35 -6.66 20.07
CA PRO F 44 -20.95 -7.94 19.65
C PRO F 44 -21.49 -8.84 20.77
N THR F 45 -20.60 -9.41 21.57
CA THR F 45 -21.07 -10.26 22.65
C THR F 45 -22.11 -9.51 23.48
N GLY F 46 -21.67 -8.48 24.20
CA GLY F 46 -22.59 -7.69 25.03
C GLY F 46 -21.95 -6.47 25.66
N GLY F 47 -20.61 -6.41 25.63
CA GLY F 47 -19.90 -5.29 26.21
C GLY F 47 -19.79 -4.11 25.25
N HIS F 48 -18.84 -3.22 25.51
CA HIS F 48 -18.64 -2.06 24.67
C HIS F 48 -17.17 -2.06 24.24
N PRO F 49 -16.87 -1.49 23.07
CA PRO F 49 -15.49 -1.46 22.59
C PRO F 49 -14.46 -1.13 23.66
N VAL F 50 -13.23 -1.59 23.45
CA VAL F 50 -12.14 -1.38 24.38
C VAL F 50 -10.90 -0.87 23.65
N VAL F 51 -10.32 0.21 24.17
CA VAL F 51 -9.11 0.78 23.58
C VAL F 51 -7.96 0.66 24.56
N GLN F 52 -6.78 0.40 24.03
CA GLN F 52 -5.57 0.25 24.84
C GLN F 52 -4.33 0.84 24.18
N LEU F 53 -3.50 1.44 25.03
CA LEU F 53 -2.23 2.05 24.60
C LEU F 53 -1.15 1.03 24.92
N HIS F 54 -0.01 1.12 24.23
CA HIS F 54 1.07 0.17 24.48
C HIS F 54 2.45 0.79 24.62
N GLY F 55 3.06 0.52 25.78
CA GLY F 55 4.38 1.05 26.08
C GLY F 55 4.31 2.38 26.80
N TYR F 56 3.56 2.45 27.88
CA TYR F 56 3.49 3.70 28.64
C TYR F 56 3.66 3.35 30.09
N MET F 57 4.86 3.58 30.60
CA MET F 57 5.16 3.25 31.99
C MET F 57 4.99 4.44 32.94
N GLU F 58 5.34 5.64 32.48
CA GLU F 58 5.21 6.85 33.30
C GLU F 58 3.89 6.75 34.07
N ASN F 59 3.84 7.21 35.32
CA ASN F 59 2.63 7.07 36.11
C ASN F 59 1.56 8.15 35.90
N LYS F 60 1.84 9.12 35.05
CA LYS F 60 0.86 10.17 34.79
C LYS F 60 -0.26 9.55 33.96
N PRO F 61 -1.53 9.91 34.25
CA PRO F 61 -2.66 9.37 33.51
C PRO F 61 -2.84 10.16 32.21
N LEU F 62 -3.39 9.53 31.18
CA LEU F 62 -3.57 10.22 29.90
C LEU F 62 -5.01 10.36 29.42
N GLY F 63 -5.18 11.15 28.37
CA GLY F 63 -6.51 11.37 27.83
C GLY F 63 -6.72 10.82 26.42
N LEU F 64 -7.72 9.97 26.28
CA LEU F 64 -8.04 9.38 24.98
C LEU F 64 -9.23 10.20 24.50
N GLN F 65 -9.05 10.89 23.38
CA GLN F 65 -10.12 11.72 22.84
C GLN F 65 -10.87 11.06 21.68
N ILE F 66 -12.10 10.65 21.96
CA ILE F 66 -12.99 9.97 21.01
C ILE F 66 -13.79 10.93 20.14
N PHE F 67 -13.88 10.65 18.84
CA PHE F 67 -14.65 11.49 17.95
C PHE F 67 -15.14 10.71 16.73
N ILE F 68 -16.34 11.03 16.25
CA ILE F 68 -16.90 10.31 15.12
C ILE F 68 -16.44 10.81 13.77
N GLY F 69 -15.82 9.91 13.01
CA GLY F 69 -15.32 10.27 11.69
C GLY F 69 -15.86 9.37 10.61
N THR F 70 -15.55 9.72 9.36
CA THR F 70 -15.99 8.98 8.19
C THR F 70 -15.43 7.56 8.13
N ALA F 71 -15.84 6.84 7.08
CA ALA F 71 -15.40 5.48 6.85
C ALA F 71 -15.13 5.34 5.36
N ASP F 72 -16.21 5.33 4.60
CA ASP F 72 -16.12 5.21 3.16
C ASP F 72 -14.89 5.93 2.61
N GLU F 73 -13.96 5.12 2.11
CA GLU F 73 -12.68 5.52 1.48
C GLU F 73 -11.95 6.79 1.93
N ARG F 74 -11.06 7.24 1.04
CA ARG F 74 -10.26 8.45 1.22
C ARG F 74 -9.62 8.60 2.60
N ILE F 75 -9.18 9.82 2.89
CA ILE F 75 -8.57 10.12 4.17
C ILE F 75 -9.65 10.14 5.23
N LEU F 76 -9.33 9.60 6.40
CA LEU F 76 -10.26 9.54 7.51
C LEU F 76 -10.34 10.89 8.19
N LYS F 77 -11.52 11.51 8.18
CA LYS F 77 -11.72 12.80 8.83
C LYS F 77 -12.96 12.74 9.72
N PRO F 78 -13.27 13.83 10.43
CA PRO F 78 -14.47 13.74 11.27
C PRO F 78 -15.67 13.73 10.33
N HIS F 79 -16.75 13.06 10.75
CA HIS F 79 -17.95 12.93 9.92
C HIS F 79 -18.91 14.12 10.03
N ALA F 80 -19.06 14.86 8.95
CA ALA F 80 -19.92 16.04 8.93
C ALA F 80 -21.39 15.82 9.28
N PHE F 81 -21.85 14.58 9.31
CA PHE F 81 -23.25 14.32 9.61
C PHE F 81 -23.51 13.64 10.95
N TYR F 82 -22.44 13.38 11.69
CA TYR F 82 -22.60 12.72 12.98
C TYR F 82 -21.74 13.37 14.05
N GLN F 83 -22.17 13.24 15.29
CA GLN F 83 -21.45 13.79 16.41
C GLN F 83 -21.55 12.78 17.53
N VAL F 84 -20.53 12.73 18.36
CA VAL F 84 -20.51 11.81 19.48
C VAL F 84 -21.48 12.38 20.48
N HIS F 85 -22.01 11.52 21.33
CA HIS F 85 -22.95 11.96 22.33
C HIS F 85 -22.55 11.46 23.70
N ARG F 86 -22.15 12.40 24.55
CA ARG F 86 -21.75 12.10 25.91
C ARG F 86 -22.86 11.33 26.60
N ILE F 87 -22.48 10.26 27.28
CA ILE F 87 -23.43 9.46 28.01
C ILE F 87 -22.79 9.25 29.37
N THR F 88 -23.51 9.65 30.42
CA THR F 88 -23.02 9.53 31.79
C THR F 88 -24.13 9.05 32.71
N GLY F 89 -23.99 9.38 34.00
CA GLY F 89 -24.99 9.00 34.97
C GLY F 89 -24.86 7.61 35.58
N LYS F 90 -25.95 7.22 36.27
CA LYS F 90 -26.06 5.93 36.96
C LYS F 90 -25.02 4.86 36.61
N THR F 91 -25.21 4.20 35.47
CA THR F 91 -24.30 3.17 35.03
C THR F 91 -23.07 3.85 34.44
N VAL F 92 -22.53 3.30 33.36
CA VAL F 92 -21.36 3.88 32.69
C VAL F 92 -20.09 3.89 33.54
N THR F 93 -19.22 2.93 33.27
CA THR F 93 -17.97 2.80 34.01
C THR F 93 -17.01 3.93 33.69
N THR F 94 -16.73 4.12 32.40
CA THR F 94 -15.81 5.16 31.94
C THR F 94 -16.41 6.58 31.96
N THR F 95 -15.62 7.52 32.47
CA THR F 95 -16.04 8.91 32.59
C THR F 95 -15.48 9.80 31.48
N SER F 96 -16.11 10.96 31.28
CA SER F 96 -15.69 11.85 30.22
C SER F 96 -16.33 13.22 30.22
N TYR F 97 -15.59 14.20 29.72
CA TYR F 97 -16.05 15.59 29.60
C TYR F 97 -16.01 15.89 28.10
N GLU F 98 -16.96 16.65 27.59
CA GLU F 98 -16.92 16.94 26.17
C GLU F 98 -16.34 18.30 25.84
N LYS F 99 -16.00 18.49 24.56
CA LYS F 99 -15.45 19.75 24.07
C LYS F 99 -15.76 19.77 22.57
N ILE F 100 -15.60 20.91 21.92
CA ILE F 100 -15.88 20.97 20.49
C ILE F 100 -14.73 21.68 19.78
N VAL F 101 -14.07 20.94 18.91
CA VAL F 101 -12.93 21.45 18.17
C VAL F 101 -13.39 21.79 16.76
N GLY F 102 -12.85 22.88 16.20
CA GLY F 102 -13.22 23.26 14.85
C GLY F 102 -14.73 23.26 14.72
N ASN F 103 -15.30 22.13 14.31
CA ASN F 103 -16.75 22.05 14.21
C ASN F 103 -17.24 20.68 14.63
N THR F 104 -16.31 19.87 15.14
CA THR F 104 -16.58 18.50 15.57
C THR F 104 -16.65 18.33 17.07
N LYS F 105 -17.47 17.41 17.55
CA LYS F 105 -17.53 17.20 18.98
C LYS F 105 -16.50 16.13 19.31
N VAL F 106 -15.79 16.32 20.42
CA VAL F 106 -14.76 15.38 20.84
C VAL F 106 -14.86 15.03 22.32
N LEU F 107 -15.04 13.76 22.62
CA LEU F 107 -15.10 13.34 24.02
C LEU F 107 -13.74 12.87 24.45
N GLU F 108 -13.36 13.17 25.68
CA GLU F 108 -12.08 12.72 26.18
C GLU F 108 -12.31 11.88 27.41
N ILE F 109 -11.61 10.75 27.49
CA ILE F 109 -11.77 9.88 28.63
C ILE F 109 -10.41 9.54 29.23
N PRO F 110 -10.39 9.21 30.53
CA PRO F 110 -9.19 8.86 31.27
C PRO F 110 -8.49 7.56 30.87
N LEU F 111 -7.21 7.68 30.57
CA LEU F 111 -6.37 6.56 30.20
C LEU F 111 -5.39 6.47 31.38
N GLU F 112 -5.71 5.62 32.36
CA GLU F 112 -4.89 5.50 33.56
C GLU F 112 -4.03 4.23 33.70
N PRO F 113 -2.81 4.37 34.25
CA PRO F 113 -1.87 3.26 34.45
C PRO F 113 -2.42 2.17 35.36
N LYS F 114 -3.23 2.54 36.35
CA LYS F 114 -3.81 1.55 37.26
C LYS F 114 -4.65 0.52 36.52
N ASN F 115 -4.74 0.68 35.19
CA ASN F 115 -5.48 -0.23 34.31
C ASN F 115 -4.67 -0.36 33.03
N ASN F 116 -3.38 -0.58 33.20
CA ASN F 116 -2.44 -0.70 32.09
C ASN F 116 -2.92 0.08 30.87
N MET F 117 -3.38 1.30 31.11
CA MET F 117 -3.85 2.20 30.06
C MET F 117 -4.85 1.58 29.07
N ARG F 118 -5.89 0.92 29.59
CA ARG F 118 -6.91 0.32 28.74
C ARG F 118 -8.28 0.77 29.25
N ALA F 119 -9.06 1.40 28.37
CA ALA F 119 -10.37 1.88 28.76
C ALA F 119 -11.49 1.32 27.91
N THR F 120 -12.65 1.13 28.53
CA THR F 120 -13.82 0.62 27.84
C THR F 120 -14.75 1.78 27.46
N ILE F 121 -14.81 2.07 26.17
CA ILE F 121 -15.64 3.14 25.63
C ILE F 121 -17.10 2.81 25.82
N ASP F 122 -17.55 3.02 27.05
CA ASP F 122 -18.91 2.72 27.49
C ASP F 122 -19.75 4.01 27.58
N CYS F 123 -19.18 5.12 27.19
CA CYS F 123 -19.87 6.40 27.31
C CYS F 123 -20.06 7.21 26.04
N ALA F 124 -20.09 6.58 24.87
CA ALA F 124 -20.26 7.39 23.67
C ALA F 124 -21.32 6.93 22.68
N GLY F 125 -22.45 7.63 22.66
CA GLY F 125 -23.52 7.32 21.73
C GLY F 125 -23.35 8.13 20.45
N ILE F 126 -24.17 7.87 19.44
CA ILE F 126 -24.04 8.64 18.23
C ILE F 126 -25.28 9.49 17.93
N LEU F 127 -25.03 10.73 17.56
CA LEU F 127 -26.08 11.68 17.24
C LEU F 127 -26.03 12.02 15.75
N LYS F 128 -27.19 12.02 15.10
CA LYS F 128 -27.29 12.32 13.68
C LYS F 128 -27.66 13.78 13.43
N LEU F 129 -26.97 14.43 12.50
CA LEU F 129 -27.28 15.81 12.17
C LEU F 129 -28.13 15.77 10.92
N ARG F 130 -29.10 16.68 10.82
CA ARG F 130 -29.97 16.71 9.66
C ARG F 130 -29.17 17.05 8.40
N ASN F 131 -29.09 16.09 7.48
CA ASN F 131 -28.39 16.24 6.20
C ASN F 131 -28.64 17.65 5.65
N ALA F 132 -29.88 18.10 5.76
CA ALA F 132 -30.25 19.42 5.29
C ALA F 132 -29.33 20.48 5.90
N ASP F 133 -29.35 20.61 7.23
CA ASP F 133 -28.55 21.59 7.91
C ASP F 133 -27.04 21.53 7.62
N ILE F 134 -26.48 20.32 7.51
CA ILE F 134 -25.06 20.15 7.26
C ILE F 134 -24.57 20.24 5.81
N GLU F 135 -25.44 19.99 4.84
CA GLU F 135 -25.01 20.07 3.44
C GLU F 135 -24.91 21.51 2.97
N LEU F 136 -25.73 22.38 3.56
CA LEU F 136 -25.73 23.78 3.19
C LEU F 136 -24.95 24.65 4.20
N ARG F 137 -23.97 24.04 4.87
CA ARG F 137 -23.16 24.78 5.84
C ARG F 137 -22.17 25.68 5.11
N LYS F 138 -21.05 25.98 5.77
CA LYS F 138 -20.02 26.82 5.19
C LYS F 138 -19.04 26.02 4.33
N GLY F 139 -18.94 26.39 3.05
CA GLY F 139 -18.06 25.74 2.10
C GLY F 139 -17.84 24.25 2.25
N GLU F 140 -18.92 23.49 2.43
CA GLU F 140 -18.83 22.04 2.59
C GLU F 140 -19.60 21.36 1.46
N THR F 141 -19.04 20.30 0.89
CA THR F 141 -19.73 19.63 -0.20
C THR F 141 -19.70 18.10 -0.07
N ASP F 142 -19.84 17.60 1.15
CA ASP F 142 -19.86 16.15 1.37
C ASP F 142 -21.28 15.63 1.22
N ILE F 143 -21.43 14.45 0.62
CA ILE F 143 -22.74 13.87 0.44
C ILE F 143 -23.23 13.30 1.75
N GLY F 144 -24.49 13.56 2.09
CA GLY F 144 -25.04 13.05 3.33
C GLY F 144 -25.94 11.85 3.09
N ARG F 145 -26.66 11.90 1.98
CA ARG F 145 -27.59 10.83 1.62
C ARG F 145 -26.76 9.55 1.44
N LYS F 146 -27.34 8.40 1.81
CA LYS F 146 -26.64 7.13 1.70
C LYS F 146 -25.40 7.09 2.61
N ASN F 147 -24.88 8.26 3.00
CA ASN F 147 -23.73 8.29 3.88
C ASN F 147 -24.24 8.15 5.31
N THR F 148 -24.15 6.95 5.85
CA THR F 148 -24.63 6.74 7.21
C THR F 148 -23.73 5.80 7.97
N ARG F 149 -22.54 5.58 7.41
CA ARG F 149 -21.56 4.70 8.04
C ARG F 149 -20.45 5.55 8.65
N VAL F 150 -20.09 5.24 9.89
CA VAL F 150 -19.06 6.00 10.59
C VAL F 150 -18.01 5.12 11.27
N ARG F 151 -17.05 5.75 11.93
CA ARG F 151 -16.01 5.02 12.62
C ARG F 151 -15.71 5.66 13.96
N LEU F 152 -15.52 4.85 15.00
CA LEU F 152 -15.19 5.40 16.31
C LEU F 152 -13.68 5.69 16.33
N VAL F 153 -13.29 6.95 16.08
CA VAL F 153 -11.88 7.32 16.07
C VAL F 153 -11.36 7.64 17.49
N PHE F 154 -10.16 7.16 17.81
CA PHE F 154 -9.53 7.37 19.13
C PHE F 154 -8.15 8.02 19.01
N ARG F 155 -7.90 9.03 19.84
CA ARG F 155 -6.61 9.70 19.80
C ARG F 155 -6.03 9.89 21.17
N VAL F 156 -4.71 9.93 21.21
CA VAL F 156 -3.97 10.14 22.45
C VAL F 156 -2.63 10.77 22.12
N HIS F 157 -2.25 11.78 22.91
CA HIS F 157 -0.99 12.48 22.69
C HIS F 157 -0.04 12.16 23.82
N ILE F 158 0.97 11.34 23.54
CA ILE F 158 1.93 10.95 24.56
C ILE F 158 2.95 12.02 24.85
N PRO F 159 3.09 12.38 26.14
CA PRO F 159 4.03 13.40 26.61
C PRO F 159 5.39 12.77 26.95
N GLU F 160 6.44 13.13 26.21
CA GLU F 160 7.78 12.59 26.45
C GLU F 160 8.62 13.56 27.29
N SER F 161 9.79 13.09 27.74
CA SER F 161 10.69 13.92 28.55
C SER F 161 11.28 15.09 27.74
N SER F 162 11.65 14.83 26.49
CA SER F 162 12.22 15.86 25.62
C SER F 162 11.20 16.95 25.30
N GLY F 163 10.01 16.81 25.86
CA GLY F 163 8.95 17.78 25.63
C GLY F 163 8.19 17.45 24.36
N ARG F 164 8.67 16.45 23.64
CA ARG F 164 8.07 16.00 22.38
C ARG F 164 6.77 15.26 22.68
N ILE F 165 5.84 15.30 21.71
CA ILE F 165 4.55 14.61 21.85
C ILE F 165 4.11 13.95 20.55
N VAL F 166 4.41 12.67 20.38
CA VAL F 166 4.00 11.96 19.17
C VAL F 166 2.51 11.65 19.29
N SER F 167 1.76 11.92 18.22
CA SER F 167 0.32 11.70 18.21
C SER F 167 -0.13 10.41 17.54
N LEU F 168 -0.91 9.62 18.28
CA LEU F 168 -1.42 8.35 17.78
C LEU F 168 -2.94 8.36 17.57
N GLN F 169 -3.38 7.84 16.42
CA GLN F 169 -4.79 7.76 16.10
C GLN F 169 -5.18 6.35 15.69
N THR F 170 -6.42 5.97 15.99
CA THR F 170 -6.91 4.65 15.61
C THR F 170 -7.97 4.81 14.53
N ALA F 171 -9.02 4.00 14.63
CA ALA F 171 -10.13 4.00 13.69
C ALA F 171 -10.82 2.65 13.79
N SER F 172 -12.01 2.63 14.41
CA SER F 172 -12.76 1.39 14.55
C SER F 172 -13.34 0.93 13.20
N ASN F 173 -13.88 -0.28 13.19
CA ASN F 173 -14.47 -0.85 11.99
C ASN F 173 -15.65 0.02 11.58
N PRO F 174 -16.04 -0.05 10.31
CA PRO F 174 -17.18 0.80 9.95
C PRO F 174 -18.41 0.36 10.75
N ILE F 175 -19.25 1.33 11.10
CA ILE F 175 -20.49 1.07 11.84
C ILE F 175 -21.61 1.58 10.96
N GLU F 176 -22.72 0.86 10.95
CA GLU F 176 -23.87 1.28 10.17
C GLU F 176 -24.78 1.98 11.15
N CYS F 177 -25.06 3.26 10.92
CA CYS F 177 -25.89 4.05 11.82
C CYS F 177 -27.35 4.20 11.44
N SER F 178 -27.69 3.84 10.21
CA SER F 178 -29.06 3.97 9.73
C SER F 178 -29.98 2.81 10.08
N GLN F 179 -31.12 3.10 10.68
CA GLN F 179 -32.09 2.06 11.03
C GLN F 179 -32.48 1.21 9.81
N ARG F 180 -32.83 1.88 8.70
CA ARG F 180 -33.23 1.19 7.46
C ARG F 180 -32.11 0.30 6.95
N SER F 181 -30.92 0.86 6.77
CA SER F 181 -29.77 0.08 6.30
C SER F 181 -29.52 -1.14 7.18
N ALA F 182 -29.46 -0.93 8.49
CA ALA F 182 -29.22 -2.02 9.44
C ALA F 182 -30.19 -3.17 9.25
N HIS F 183 -31.39 -2.85 8.81
CA HIS F 183 -32.44 -3.83 8.61
C HIS F 183 -32.41 -4.50 7.24
N GLU F 184 -32.26 -3.71 6.18
CA GLU F 184 -32.26 -4.26 4.81
C GLU F 184 -30.93 -4.60 4.15
N LEU F 185 -29.81 -4.21 4.76
CA LEU F 185 -28.49 -4.50 4.19
C LEU F 185 -27.88 -5.78 4.74
N PRO F 186 -27.38 -6.66 3.85
CA PRO F 186 -26.76 -7.95 4.17
C PRO F 186 -25.61 -7.80 5.15
N MET F 187 -25.63 -8.59 6.21
CA MET F 187 -24.57 -8.53 7.21
C MET F 187 -23.91 -9.89 7.44
N VAL F 188 -22.58 -9.87 7.45
CA VAL F 188 -21.79 -11.07 7.68
C VAL F 188 -21.14 -10.99 9.04
N GLU F 189 -21.56 -11.87 9.95
CA GLU F 189 -21.04 -11.89 11.31
C GLU F 189 -19.82 -12.78 11.51
N ARG F 190 -20.03 -14.09 11.47
CA ARG F 190 -18.95 -15.06 11.67
C ARG F 190 -18.73 -15.98 10.45
N GLN F 191 -17.56 -15.87 9.83
CA GLN F 191 -17.22 -16.69 8.67
C GLN F 191 -17.25 -18.19 8.97
N ASP F 192 -16.18 -18.88 8.59
CA ASP F 192 -16.08 -20.32 8.80
C ASP F 192 -14.73 -20.87 8.35
N THR F 193 -14.32 -20.54 7.13
CA THR F 193 -13.05 -20.99 6.60
C THR F 193 -12.35 -19.79 5.95
N ASP F 194 -11.02 -19.77 5.97
CA ASP F 194 -10.28 -18.65 5.39
C ASP F 194 -9.33 -19.01 4.25
N SER F 195 -8.86 -20.26 4.22
CA SER F 195 -7.93 -20.68 3.17
C SER F 195 -8.46 -21.73 2.20
N CYS F 196 -7.81 -21.82 1.03
CA CYS F 196 -8.19 -22.76 -0.01
C CYS F 196 -7.28 -22.55 -1.22
N LEU F 197 -6.94 -23.64 -1.91
CA LEU F 197 -6.08 -23.54 -3.09
C LEU F 197 -6.80 -22.76 -4.19
N VAL F 198 -6.03 -22.12 -5.06
CA VAL F 198 -6.57 -21.33 -6.16
C VAL F 198 -7.61 -22.10 -6.97
N TYR F 199 -7.57 -23.42 -6.88
CA TYR F 199 -8.50 -24.27 -7.61
C TYR F 199 -9.94 -24.02 -7.17
N GLY F 200 -10.15 -23.94 -5.86
CA GLY F 200 -11.48 -23.70 -5.34
C GLY F 200 -12.21 -24.99 -5.03
N GLY F 201 -13.53 -24.89 -4.88
CA GLY F 201 -14.32 -26.07 -4.58
C GLY F 201 -14.30 -26.50 -3.12
N GLN F 202 -14.87 -25.66 -2.27
CA GLN F 202 -14.94 -25.97 -0.84
C GLN F 202 -16.10 -25.20 -0.24
N GLN F 203 -16.57 -25.65 0.92
CA GLN F 203 -17.67 -24.98 1.60
C GLN F 203 -17.12 -24.04 2.65
N MET F 204 -17.90 -22.99 2.94
CA MET F 204 -17.56 -21.94 3.91
C MET F 204 -18.87 -21.38 4.45
N ILE F 205 -19.42 -21.99 5.50
CA ILE F 205 -20.69 -21.54 6.07
C ILE F 205 -20.63 -20.13 6.67
N LEU F 206 -21.35 -19.20 6.05
CA LEU F 206 -21.39 -17.81 6.49
C LEU F 206 -22.62 -17.55 7.36
N THR F 207 -22.43 -16.75 8.41
CA THR F 207 -23.53 -16.42 9.33
C THR F 207 -23.60 -14.92 9.53
N GLY F 208 -24.83 -14.42 9.66
CA GLY F 208 -25.06 -13.00 9.85
C GLY F 208 -26.54 -12.71 9.73
N GLN F 209 -26.90 -11.44 9.61
CA GLN F 209 -28.30 -11.08 9.49
C GLN F 209 -28.64 -10.72 8.05
N ASN F 210 -29.95 -10.55 7.81
CA ASN F 210 -30.46 -10.18 6.51
C ASN F 210 -30.05 -11.16 5.41
N PHE F 211 -29.77 -12.39 5.81
CA PHE F 211 -29.41 -13.44 4.88
C PHE F 211 -30.71 -14.11 4.43
N THR F 212 -31.32 -13.55 3.38
CA THR F 212 -32.58 -14.09 2.87
C THR F 212 -32.36 -15.48 2.26
N SER F 213 -32.94 -15.69 1.07
CA SER F 213 -32.82 -16.95 0.35
C SER F 213 -32.41 -16.63 -1.08
N GLU F 214 -32.44 -15.34 -1.41
CA GLU F 214 -32.08 -14.83 -2.73
C GLU F 214 -30.68 -14.18 -2.70
N SER F 215 -29.95 -14.43 -1.61
CA SER F 215 -28.61 -13.89 -1.44
C SER F 215 -27.68 -14.50 -2.48
N LYS F 216 -26.59 -13.80 -2.80
CA LYS F 216 -25.65 -14.31 -3.78
C LYS F 216 -24.25 -13.75 -3.60
N VAL F 217 -23.43 -14.49 -2.83
CA VAL F 217 -22.04 -14.12 -2.53
C VAL F 217 -21.19 -13.89 -3.77
N VAL F 218 -20.48 -12.77 -3.78
CA VAL F 218 -19.63 -12.42 -4.90
C VAL F 218 -18.18 -12.22 -4.46
N PHE F 219 -17.25 -12.65 -5.31
CA PHE F 219 -15.83 -12.50 -4.99
C PHE F 219 -15.15 -11.41 -5.82
N THR F 220 -14.14 -10.77 -5.23
CA THR F 220 -13.42 -9.68 -5.90
C THR F 220 -12.00 -9.44 -5.39
N GLU F 221 -11.16 -8.89 -6.27
CA GLU F 221 -9.76 -8.58 -5.97
C GLU F 221 -9.46 -7.09 -6.24
N LYS F 222 -9.05 -6.37 -5.20
CA LYS F 222 -8.72 -4.95 -5.31
C LYS F 222 -7.21 -4.73 -5.35
N THR F 223 -6.80 -3.49 -5.60
CA THR F 223 -5.38 -3.16 -5.69
C THR F 223 -4.92 -2.27 -4.52
N THR F 224 -3.62 -1.98 -4.53
CA THR F 224 -3.02 -1.14 -3.49
C THR F 224 -3.57 0.29 -3.67
N ASP F 225 -4.11 0.54 -4.87
CA ASP F 225 -4.68 1.84 -5.22
C ASP F 225 -6.20 1.81 -4.99
N GLY F 226 -6.90 0.96 -5.73
CA GLY F 226 -8.35 0.86 -5.60
C GLY F 226 -9.02 0.56 -6.93
N GLN F 227 -8.39 -0.32 -7.71
CA GLN F 227 -8.91 -0.70 -9.01
C GLN F 227 -9.53 -2.09 -8.89
N GLN F 228 -10.37 -2.47 -9.85
CA GLN F 228 -10.98 -3.78 -9.82
C GLN F 228 -10.45 -4.64 -10.93
N ILE F 229 -10.33 -5.95 -10.67
CA ILE F 229 -9.84 -6.88 -11.68
C ILE F 229 -10.53 -8.23 -11.64
N TRP F 230 -11.41 -8.42 -10.66
CA TRP F 230 -12.10 -9.70 -10.55
C TRP F 230 -13.42 -9.68 -9.79
N GLU F 231 -14.46 -10.23 -10.42
CA GLU F 231 -15.79 -10.33 -9.84
C GLU F 231 -16.37 -11.62 -10.41
N MET F 232 -16.26 -12.69 -9.64
CA MET F 232 -16.74 -14.01 -10.04
C MET F 232 -17.92 -14.51 -9.20
N GLU F 233 -19.05 -14.71 -9.85
CA GLU F 233 -20.23 -15.21 -9.16
C GLU F 233 -19.83 -16.49 -8.43
N ALA F 234 -20.12 -16.56 -7.13
CA ALA F 234 -19.78 -17.74 -6.33
C ALA F 234 -20.98 -18.56 -5.90
N THR F 235 -21.71 -19.10 -6.87
CA THR F 235 -22.90 -19.94 -6.66
C THR F 235 -23.14 -20.42 -5.22
N VAL F 236 -24.38 -20.31 -4.77
CA VAL F 236 -24.75 -20.71 -3.41
C VAL F 236 -25.89 -21.75 -3.35
N ALA F 237 -26.44 -21.91 -2.15
CA ALA F 237 -27.56 -22.83 -1.87
C ALA F 237 -27.33 -24.27 -2.31
N ALA F 238 -26.57 -25.02 -1.51
CA ALA F 238 -26.29 -26.43 -1.81
C ALA F 238 -27.63 -27.17 -1.77
N ALA F 239 -28.61 -26.53 -1.13
CA ALA F 239 -29.97 -27.05 -0.99
C ALA F 239 -30.75 -25.92 -0.34
N ALA F 240 -31.00 -26.05 0.96
CA ALA F 240 -31.72 -25.02 1.71
C ALA F 240 -30.65 -24.21 2.47
N ALA F 241 -30.80 -24.11 3.79
CA ALA F 241 -29.87 -23.37 4.66
C ALA F 241 -30.58 -22.89 5.93
N ALA F 242 -29.81 -22.37 6.87
CA ALA F 242 -30.37 -21.84 8.10
C ALA F 242 -30.79 -20.40 7.78
N PRO F 243 -31.98 -19.97 8.27
CA PRO F 243 -32.53 -18.64 8.04
C PRO F 243 -31.51 -17.50 7.88
N ASN F 244 -30.37 -17.60 8.56
CA ASN F 244 -29.35 -16.56 8.46
C ASN F 244 -27.94 -17.14 8.30
N MET F 245 -27.87 -18.33 7.72
CA MET F 245 -26.60 -19.02 7.45
C MET F 245 -26.50 -19.16 5.94
N LEU F 246 -25.28 -19.29 5.41
CA LEU F 246 -25.13 -19.43 3.97
C LEU F 246 -23.92 -20.29 3.61
N PHE F 247 -24.17 -21.33 2.81
CA PHE F 247 -23.14 -22.28 2.39
C PHE F 247 -22.81 -22.00 0.93
N VAL F 248 -21.66 -21.36 0.69
CA VAL F 248 -21.26 -21.01 -0.66
C VAL F 248 -20.06 -21.82 -1.14
N GLU F 249 -19.95 -21.99 -2.44
CA GLU F 249 -18.82 -22.71 -3.02
C GLU F 249 -17.75 -21.71 -3.42
N ILE F 250 -16.57 -21.82 -2.83
CA ILE F 250 -15.47 -20.93 -3.14
C ILE F 250 -15.10 -21.07 -4.60
N PRO F 251 -15.17 -19.97 -5.36
CA PRO F 251 -14.86 -19.95 -6.80
C PRO F 251 -13.44 -20.39 -7.13
N GLU F 252 -13.01 -20.08 -8.35
CA GLU F 252 -11.67 -20.45 -8.79
C GLU F 252 -10.93 -19.16 -9.07
N TYR F 253 -9.88 -18.90 -8.30
CA TYR F 253 -9.10 -17.67 -8.43
C TYR F 253 -8.68 -17.31 -9.86
N ARG F 254 -8.50 -16.01 -10.07
CA ARG F 254 -8.11 -15.39 -11.35
C ARG F 254 -7.41 -16.27 -12.39
N ASN F 255 -6.22 -16.78 -12.07
CA ASN F 255 -5.48 -17.62 -13.01
C ASN F 255 -4.85 -18.89 -12.43
N LYS F 256 -5.03 -19.10 -11.13
CA LYS F 256 -4.49 -20.27 -10.43
C LYS F 256 -3.00 -20.48 -10.62
N HIS F 257 -2.36 -19.59 -11.34
CA HIS F 257 -0.92 -19.65 -11.60
C HIS F 257 -0.21 -18.66 -10.67
N ILE F 258 -0.26 -18.93 -9.37
CA ILE F 258 0.37 -18.04 -8.39
C ILE F 258 1.31 -18.79 -7.43
N ARG F 259 2.51 -18.23 -7.26
CA ARG F 259 3.52 -18.82 -6.39
C ARG F 259 3.36 -18.32 -4.95
N THR F 260 2.83 -17.10 -4.83
CA THR F 260 2.63 -16.48 -3.53
C THR F 260 1.15 -16.27 -3.19
N PRO F 261 0.71 -16.79 -2.02
CA PRO F 261 -0.68 -16.67 -1.60
C PRO F 261 -1.27 -15.27 -1.78
N VAL F 262 -2.59 -15.23 -1.97
CA VAL F 262 -3.31 -13.98 -2.19
C VAL F 262 -4.55 -13.83 -1.31
N LYS F 263 -4.60 -12.71 -0.58
CA LYS F 263 -5.71 -12.38 0.30
C LYS F 263 -6.76 -11.76 -0.61
N VAL F 264 -8.04 -12.06 -0.37
CA VAL F 264 -9.09 -11.52 -1.23
C VAL F 264 -10.34 -11.05 -0.48
N ASN F 265 -11.18 -10.28 -1.18
CA ASN F 265 -12.41 -9.75 -0.59
C ASN F 265 -13.68 -10.27 -1.28
N PHE F 266 -14.68 -10.60 -0.46
CA PHE F 266 -15.95 -11.11 -0.97
C PHE F 266 -17.11 -10.60 -0.13
N TYR F 267 -18.13 -10.06 -0.80
CA TYR F 267 -19.29 -9.52 -0.11
C TYR F 267 -20.56 -10.31 -0.38
N VAL F 268 -21.67 -9.79 0.10
CA VAL F 268 -22.99 -10.41 -0.07
C VAL F 268 -23.93 -9.33 -0.61
N ILE F 269 -24.58 -9.60 -1.74
CA ILE F 269 -25.48 -8.60 -2.31
C ILE F 269 -26.90 -9.14 -2.53
N ASN F 270 -27.80 -8.81 -1.60
CA ASN F 270 -29.18 -9.25 -1.69
C ASN F 270 -29.87 -8.56 -2.88
N GLY F 271 -30.54 -7.45 -2.60
CA GLY F 271 -31.23 -6.72 -3.65
C GLY F 271 -30.25 -6.12 -4.64
N LYS F 272 -30.76 -5.68 -5.79
CA LYS F 272 -29.96 -5.09 -6.85
C LYS F 272 -28.96 -4.03 -6.37
N ARG F 273 -29.10 -3.60 -5.12
CA ARG F 273 -28.19 -2.60 -4.56
C ARG F 273 -27.78 -2.97 -3.13
N LYS F 274 -28.70 -3.60 -2.40
CA LYS F 274 -28.47 -4.00 -1.01
C LYS F 274 -27.22 -4.88 -0.86
N ARG F 275 -26.06 -4.24 -0.88
CA ARG F 275 -24.79 -4.95 -0.75
C ARG F 275 -24.37 -5.05 0.70
N SER F 276 -23.38 -5.90 0.96
CA SER F 276 -22.87 -6.10 2.31
C SER F 276 -21.47 -5.49 2.33
N GLN F 277 -20.84 -5.50 3.50
CA GLN F 277 -19.50 -4.95 3.62
C GLN F 277 -18.45 -6.00 3.25
N PRO F 278 -17.45 -5.62 2.45
CA PRO F 278 -16.37 -6.54 2.02
C PRO F 278 -15.80 -7.41 3.13
N GLN F 279 -15.40 -8.62 2.76
CA GLN F 279 -14.83 -9.57 3.71
C GLN F 279 -13.39 -9.93 3.34
N HIS F 280 -12.81 -10.89 4.05
CA HIS F 280 -11.44 -11.30 3.79
C HIS F 280 -11.32 -12.82 3.63
N PHE F 281 -10.50 -13.24 2.67
CA PHE F 281 -10.27 -14.66 2.40
C PHE F 281 -8.85 -14.80 1.88
N THR F 282 -8.25 -15.97 2.07
CA THR F 282 -6.89 -16.19 1.62
C THR F 282 -6.68 -17.43 0.76
N TYR F 283 -6.16 -17.22 -0.45
CA TYR F 283 -5.86 -18.31 -1.37
C TYR F 283 -4.44 -18.77 -1.08
N HIS F 284 -4.04 -19.89 -1.69
CA HIS F 284 -2.70 -20.41 -1.47
C HIS F 284 -1.93 -20.58 -2.77
N PRO F 285 -0.60 -20.74 -2.67
CA PRO F 285 0.23 -20.90 -3.87
C PRO F 285 -0.14 -22.09 -4.73
N VAL F 286 0.59 -22.25 -5.83
CA VAL F 286 0.37 -23.33 -6.78
C VAL F 286 0.35 -24.73 -6.13
N MET G 1 -19.99 27.84 -33.19
CA MET G 1 -20.94 28.93 -33.51
C MET G 1 -21.22 29.76 -32.27
N ARG G 2 -22.23 29.35 -31.50
CA ARG G 2 -22.64 30.01 -30.28
C ARG G 2 -24.01 29.48 -29.83
N PRO G 3 -24.16 28.14 -29.79
CA PRO G 3 -25.46 27.59 -29.37
C PRO G 3 -25.80 27.96 -27.93
N PRO G 4 -27.10 28.11 -27.63
CA PRO G 4 -27.51 28.46 -26.27
C PRO G 4 -27.28 27.28 -25.34
N PHE G 5 -27.23 27.55 -24.03
CA PHE G 5 -27.02 26.48 -23.09
C PHE G 5 -28.27 25.66 -22.84
N THR G 6 -28.10 24.35 -22.83
CA THR G 6 -29.21 23.44 -22.59
C THR G 6 -28.95 22.71 -21.28
N TYR G 7 -30.01 22.17 -20.69
CA TYR G 7 -29.87 21.42 -19.46
C TYR G 7 -28.87 20.29 -19.66
N ALA G 8 -28.94 19.64 -20.80
CA ALA G 8 -28.01 18.55 -21.08
C ALA G 8 -26.56 19.03 -21.01
N THR G 9 -26.27 20.11 -21.72
CA THR G 9 -24.92 20.65 -21.72
C THR G 9 -24.40 21.10 -20.36
N LEU G 10 -25.21 21.82 -19.59
CA LEU G 10 -24.76 22.23 -18.28
C LEU G 10 -24.58 20.99 -17.40
N ILE G 11 -25.55 20.09 -17.42
CA ILE G 11 -25.45 18.88 -16.62
C ILE G 11 -24.15 18.13 -16.91
N ARG G 12 -23.89 17.91 -18.19
CA ARG G 12 -22.67 17.22 -18.61
C ARG G 12 -21.47 17.91 -17.96
N TRP G 13 -21.43 19.24 -18.08
CA TRP G 13 -20.34 20.02 -17.54
C TRP G 13 -20.22 19.92 -16.02
N ALA G 14 -21.34 20.00 -15.29
CA ALA G 14 -21.28 19.90 -13.83
C ALA G 14 -20.65 18.57 -13.43
N ILE G 15 -21.06 17.50 -14.10
CA ILE G 15 -20.52 16.19 -13.79
C ILE G 15 -19.06 16.01 -14.20
N LEU G 16 -18.74 16.29 -15.47
CA LEU G 16 -17.38 16.11 -15.95
C LEU G 16 -16.36 16.93 -15.16
N GLU G 17 -16.80 18.10 -14.71
CA GLU G 17 -15.96 19.00 -13.95
C GLU G 17 -16.00 18.58 -12.48
N ALA G 18 -15.89 17.29 -12.26
CA ALA G 18 -15.89 16.72 -10.93
C ALA G 18 -14.61 15.92 -10.86
N PRO G 19 -14.04 15.79 -9.66
CA PRO G 19 -12.80 15.04 -9.49
C PRO G 19 -12.77 13.71 -10.25
N GLU G 20 -13.76 12.86 -9.99
CA GLU G 20 -13.84 11.54 -10.63
C GLU G 20 -14.89 11.43 -11.72
N LYS G 21 -15.31 12.56 -12.28
CA LYS G 21 -16.32 12.58 -13.35
C LYS G 21 -17.63 11.87 -13.00
N GLN G 22 -18.20 12.18 -11.84
CA GLN G 22 -19.46 11.58 -11.41
C GLN G 22 -19.94 12.29 -10.15
N ARG G 23 -21.25 12.57 -10.07
CA ARG G 23 -21.81 13.24 -8.89
C ARG G 23 -23.26 12.86 -8.61
N THR G 24 -23.68 13.14 -7.38
CA THR G 24 -25.04 12.86 -6.91
C THR G 24 -26.01 13.91 -7.45
N LEU G 25 -27.29 13.57 -7.45
CA LEU G 25 -28.28 14.51 -7.93
C LEU G 25 -28.12 15.76 -7.11
N ASN G 26 -27.95 15.58 -5.81
CA ASN G 26 -27.83 16.74 -4.97
C ASN G 26 -26.62 17.60 -5.31
N GLU G 27 -25.50 16.97 -5.64
CA GLU G 27 -24.28 17.70 -5.98
C GLU G 27 -24.49 18.53 -7.25
N ILE G 28 -25.25 17.98 -8.20
CA ILE G 28 -25.55 18.70 -9.41
C ILE G 28 -26.44 19.90 -9.04
N TYR G 29 -27.35 19.72 -8.07
CA TYR G 29 -28.15 20.85 -7.67
C TYR G 29 -27.19 21.92 -7.14
N HIS G 30 -26.26 21.53 -6.29
CA HIS G 30 -25.33 22.49 -5.71
C HIS G 30 -24.59 23.28 -6.75
N TRP G 31 -24.08 22.57 -7.74
CA TRP G 31 -23.35 23.21 -8.81
C TRP G 31 -24.23 24.29 -9.43
N PHE G 32 -25.42 23.91 -9.88
CA PHE G 32 -26.33 24.89 -10.49
C PHE G 32 -26.56 26.13 -9.64
N THR G 33 -26.71 25.90 -8.34
CA THR G 33 -26.94 26.95 -7.38
C THR G 33 -25.83 27.99 -7.41
N ARG G 34 -24.59 27.53 -7.26
CA ARG G 34 -23.46 28.46 -7.27
C ARG G 34 -23.45 29.23 -8.56
N MET G 35 -23.99 28.64 -9.62
CA MET G 35 -24.01 29.33 -10.88
C MET G 35 -25.12 30.38 -10.82
N PHE G 36 -26.27 30.01 -10.23
CA PHE G 36 -27.38 30.95 -10.07
C PHE G 36 -26.88 32.09 -9.19
N ALA G 37 -26.19 31.71 -8.12
CA ALA G 37 -25.67 32.68 -7.17
C ALA G 37 -24.56 33.55 -7.72
N PHE G 38 -24.43 33.61 -9.03
CA PHE G 38 -23.43 34.45 -9.66
C PHE G 38 -24.14 35.18 -10.75
N PHE G 39 -24.80 34.43 -11.62
CA PHE G 39 -25.52 35.00 -12.74
C PHE G 39 -26.87 35.61 -12.35
N ARG G 40 -26.82 36.45 -11.31
CA ARG G 40 -27.99 37.16 -10.78
C ARG G 40 -27.44 38.22 -9.81
N ASN G 41 -26.11 38.17 -9.66
CA ASN G 41 -25.37 39.08 -8.79
C ASN G 41 -24.19 39.70 -9.54
N HIS G 42 -24.06 39.36 -10.81
CA HIS G 42 -22.99 39.90 -11.64
C HIS G 42 -23.13 41.41 -11.70
N PRO G 43 -22.04 42.13 -11.50
CA PRO G 43 -22.17 43.59 -11.56
C PRO G 43 -22.37 44.01 -13.01
N ALA G 44 -22.90 45.22 -13.20
CA ALA G 44 -23.11 45.74 -14.54
C ALA G 44 -21.74 46.15 -15.05
N THR G 45 -20.71 45.51 -14.52
CA THR G 45 -19.33 45.79 -14.88
C THR G 45 -18.50 44.51 -14.81
N TRP G 46 -19.03 43.43 -15.37
CA TRP G 46 -18.30 42.16 -15.31
C TRP G 46 -17.16 42.04 -16.32
N LYS G 47 -17.36 42.54 -17.54
CA LYS G 47 -16.31 42.43 -18.54
C LYS G 47 -15.00 42.98 -17.99
N ASN G 48 -15.07 44.09 -17.26
CA ASN G 48 -13.88 44.68 -16.69
C ASN G 48 -13.32 43.64 -15.76
N ALA G 49 -14.21 43.01 -14.99
CA ALA G 49 -13.80 41.98 -14.05
C ALA G 49 -13.08 40.84 -14.76
N ILE G 50 -13.56 40.49 -15.96
CA ILE G 50 -12.95 39.41 -16.72
C ILE G 50 -11.59 39.81 -17.26
N ARG G 51 -11.52 40.99 -17.85
CA ARG G 51 -10.24 41.46 -18.37
C ARG G 51 -9.26 41.47 -17.22
N HIS G 52 -9.73 42.01 -16.09
CA HIS G 52 -8.91 42.13 -14.90
C HIS G 52 -8.30 40.82 -14.46
N ASN G 53 -9.13 39.78 -14.41
CA ASN G 53 -8.71 38.46 -13.99
C ASN G 53 -7.78 37.77 -14.97
N LEU G 54 -7.98 38.00 -16.27
CA LEU G 54 -7.17 37.35 -17.28
C LEU G 54 -5.70 37.65 -17.17
N SER G 55 -5.35 38.91 -16.98
CA SER G 55 -3.94 39.18 -16.85
C SER G 55 -3.49 39.07 -15.41
N LEU G 56 -4.30 39.58 -14.50
CA LEU G 56 -3.93 39.55 -13.09
C LEU G 56 -3.44 38.20 -12.67
N HIS G 57 -4.16 37.15 -13.04
CA HIS G 57 -3.78 35.80 -12.66
C HIS G 57 -2.80 35.14 -13.60
N LYS G 58 -1.79 34.48 -13.04
CA LYS G 58 -0.76 33.81 -13.85
C LYS G 58 -1.28 32.53 -14.47
N CYS G 59 -2.55 32.20 -14.27
CA CYS G 59 -3.04 30.96 -14.85
C CYS G 59 -3.69 31.17 -16.20
N PHE G 60 -3.81 32.41 -16.63
CA PHE G 60 -4.42 32.72 -17.91
C PHE G 60 -3.38 33.37 -18.79
N VAL G 61 -2.82 32.60 -19.72
CA VAL G 61 -1.80 33.10 -20.63
C VAL G 61 -2.36 33.40 -22.00
N ARG G 62 -1.98 34.55 -22.54
CA ARG G 62 -2.40 34.97 -23.86
C ARG G 62 -1.34 34.47 -24.84
N VAL G 63 -1.79 33.86 -25.93
CA VAL G 63 -0.87 33.36 -26.92
C VAL G 63 -1.24 33.94 -28.27
N GLU G 64 -0.25 34.07 -29.15
CA GLU G 64 -0.45 34.65 -30.48
C GLU G 64 -0.90 33.61 -31.49
N SER G 65 -1.20 32.41 -31.00
CA SER G 65 -1.61 31.31 -31.85
C SER G 65 -2.78 31.61 -32.81
N GLU G 66 -2.97 30.67 -33.74
CA GLU G 66 -4.02 30.69 -34.75
C GLU G 66 -4.44 32.07 -35.28
N LYS G 67 -5.71 32.17 -35.66
CA LYS G 67 -6.33 33.39 -36.18
C LYS G 67 -5.84 34.68 -35.54
N GLY G 68 -6.09 34.84 -34.24
CA GLY G 68 -5.66 36.04 -33.52
C GLY G 68 -5.23 35.70 -32.11
N ALA G 69 -4.93 36.72 -31.30
CA ALA G 69 -4.51 36.49 -29.92
C ALA G 69 -5.65 35.82 -29.19
N VAL G 70 -5.34 34.76 -28.48
CA VAL G 70 -6.37 34.02 -27.76
C VAL G 70 -5.93 33.74 -26.34
N TRP G 71 -6.90 33.47 -25.48
CA TRP G 71 -6.59 33.19 -24.10
C TRP G 71 -6.53 31.69 -23.82
N THR G 72 -5.70 31.28 -22.86
CA THR G 72 -5.56 29.87 -22.55
C THR G 72 -5.26 29.62 -21.06
N VAL G 73 -5.53 28.41 -20.60
CA VAL G 73 -5.26 28.13 -19.20
C VAL G 73 -4.03 27.26 -19.02
N ASP G 74 -3.15 27.74 -18.17
CA ASP G 74 -1.93 27.04 -17.80
C ASP G 74 -2.42 26.15 -16.66
N GLU G 75 -2.96 25.00 -17.03
CA GLU G 75 -3.53 24.07 -16.08
C GLU G 75 -2.83 23.95 -14.74
N LEU G 76 -1.58 23.47 -14.75
CA LEU G 76 -0.83 23.28 -13.51
C LEU G 76 -0.70 24.52 -12.64
N GLU G 77 -0.60 25.69 -13.26
CA GLU G 77 -0.48 26.95 -12.52
C GLU G 77 -1.81 27.29 -11.88
N PHE G 78 -2.89 26.87 -12.53
CA PHE G 78 -4.23 27.11 -12.04
C PHE G 78 -4.48 26.19 -10.85
N ARG G 79 -4.06 24.93 -11.02
CA ARG G 79 -4.20 23.90 -10.02
C ARG G 79 -3.48 24.31 -8.74
N LYS G 80 -2.37 25.03 -8.89
CA LYS G 80 -1.60 25.49 -7.73
C LYS G 80 -2.48 26.41 -6.87
N LYS G 81 -2.95 27.49 -7.50
CA LYS G 81 -3.80 28.50 -6.85
C LYS G 81 -4.68 27.93 -5.73
N ARG G 82 -5.50 26.94 -6.07
CA ARG G 82 -6.42 26.29 -5.11
C ARG G 82 -5.85 26.14 -3.70
N MET H 1 -27.07 30.80 1.35
CA MET H 1 -25.87 31.70 1.26
C MET H 1 -24.74 31.08 0.41
N ARG H 2 -25.12 30.39 -0.66
CA ARG H 2 -24.15 29.73 -1.56
C ARG H 2 -23.14 30.66 -2.22
N PRO H 3 -21.84 30.41 -2.03
CA PRO H 3 -20.79 31.24 -2.62
C PRO H 3 -20.70 31.00 -4.12
N PRO H 4 -20.51 32.08 -4.90
CA PRO H 4 -20.42 31.85 -6.33
C PRO H 4 -19.02 31.50 -6.78
N PHE H 5 -18.94 30.64 -7.78
CA PHE H 5 -17.68 30.29 -8.36
C PHE H 5 -17.03 31.65 -8.68
N THR H 6 -15.77 31.79 -8.32
CA THR H 6 -15.06 33.04 -8.58
C THR H 6 -14.88 33.20 -10.08
N TYR H 7 -14.42 34.38 -10.50
CA TYR H 7 -14.18 34.65 -11.90
C TYR H 7 -13.24 33.65 -12.55
N ALA H 8 -12.08 33.43 -11.95
CA ALA H 8 -11.11 32.49 -12.51
C ALA H 8 -11.76 31.15 -12.84
N THR H 9 -12.56 30.64 -11.91
CA THR H 9 -13.22 29.38 -12.15
C THR H 9 -14.08 29.52 -13.39
N LEU H 10 -14.91 30.55 -13.42
CA LEU H 10 -15.79 30.73 -14.56
C LEU H 10 -14.98 30.98 -15.85
N ILE H 11 -14.04 31.93 -15.80
CA ILE H 11 -13.23 32.25 -16.97
C ILE H 11 -12.53 31.01 -17.51
N ARG H 12 -12.02 30.15 -16.61
CA ARG H 12 -11.40 28.91 -17.04
C ARG H 12 -12.40 28.03 -17.78
N TRP H 13 -13.57 27.81 -17.19
CA TRP H 13 -14.55 26.98 -17.86
C TRP H 13 -14.85 27.52 -19.26
N ALA H 14 -14.97 28.83 -19.37
CA ALA H 14 -15.28 29.42 -20.66
C ALA H 14 -14.19 29.13 -21.67
N ILE H 15 -12.96 28.97 -21.20
CA ILE H 15 -11.90 28.69 -22.14
C ILE H 15 -11.91 27.21 -22.50
N LEU H 16 -12.39 26.38 -21.60
CA LEU H 16 -12.45 24.94 -21.87
C LEU H 16 -13.72 24.51 -22.62
N GLU H 17 -14.79 25.31 -22.48
CA GLU H 17 -16.06 25.05 -23.17
C GLU H 17 -15.79 25.18 -24.64
N ALA H 18 -14.52 25.36 -24.98
CA ALA H 18 -14.11 25.49 -26.37
C ALA H 18 -13.13 24.38 -26.67
N PRO H 19 -13.47 23.52 -27.63
CA PRO H 19 -12.60 22.38 -28.00
C PRO H 19 -11.13 22.74 -28.16
N GLU H 20 -10.87 23.92 -28.68
CA GLU H 20 -9.49 24.38 -28.90
C GLU H 20 -8.70 24.59 -27.60
N LYS H 21 -9.42 24.64 -26.47
CA LYS H 21 -8.81 24.85 -25.15
C LYS H 21 -8.14 26.21 -25.10
N GLN H 22 -8.67 27.11 -25.93
CA GLN H 22 -8.19 28.48 -26.05
C GLN H 22 -9.28 29.33 -26.73
N ARG H 23 -9.52 30.52 -26.17
CA ARG H 23 -10.53 31.42 -26.71
C ARG H 23 -10.10 32.89 -26.71
N THR H 24 -10.85 33.71 -27.43
CA THR H 24 -10.57 35.14 -27.51
C THR H 24 -11.40 35.84 -26.46
N LEU H 25 -11.01 37.06 -26.11
CA LEU H 25 -11.70 37.82 -25.10
C LEU H 25 -13.19 37.93 -25.41
N ASN H 26 -13.53 38.18 -26.67
CA ASN H 26 -14.93 38.32 -27.02
C ASN H 26 -15.70 37.03 -26.83
N GLU H 27 -15.09 35.93 -27.25
CA GLU H 27 -15.72 34.62 -27.09
C GLU H 27 -16.00 34.40 -25.60
N ILE H 28 -15.01 34.64 -24.75
CA ILE H 28 -15.22 34.46 -23.32
C ILE H 28 -16.44 35.25 -22.90
N TYR H 29 -16.53 36.51 -23.34
CA TYR H 29 -17.70 37.34 -23.01
C TYR H 29 -18.98 36.64 -23.40
N HIS H 30 -19.02 36.08 -24.61
CA HIS H 30 -20.23 35.39 -25.06
C HIS H 30 -20.54 34.13 -24.27
N TRP H 31 -19.51 33.50 -23.71
CA TRP H 31 -19.74 32.32 -22.90
C TRP H 31 -20.50 32.81 -21.69
N PHE H 32 -20.04 33.93 -21.11
CA PHE H 32 -20.72 34.49 -19.95
C PHE H 32 -22.14 34.95 -20.29
N THR H 33 -22.30 35.58 -21.45
CA THR H 33 -23.61 36.04 -21.84
C THR H 33 -24.58 34.87 -21.96
N ARG H 34 -24.14 33.80 -22.62
CA ARG H 34 -24.99 32.63 -22.77
C ARG H 34 -25.38 32.10 -21.40
N MET H 35 -24.47 32.17 -20.44
CA MET H 35 -24.78 31.67 -19.11
C MET H 35 -25.79 32.59 -18.44
N PHE H 36 -25.72 33.89 -18.71
CA PHE H 36 -26.68 34.83 -18.10
C PHE H 36 -28.02 34.51 -18.71
N ALA H 37 -28.02 34.32 -20.03
CA ALA H 37 -29.23 34.00 -20.76
C ALA H 37 -29.92 32.83 -20.09
N PHE H 38 -29.17 31.76 -19.86
CA PHE H 38 -29.74 30.58 -19.25
C PHE H 38 -30.38 30.82 -17.89
N PHE H 39 -29.57 31.04 -16.87
CA PHE H 39 -30.11 31.20 -15.53
C PHE H 39 -31.16 32.27 -15.34
N ARG H 40 -31.31 33.14 -16.34
CA ARG H 40 -32.30 34.20 -16.29
C ARG H 40 -33.63 33.62 -16.73
N ASN H 41 -33.59 32.86 -17.82
CA ASN H 41 -34.78 32.23 -18.39
C ASN H 41 -35.33 31.03 -17.63
N HIS H 42 -34.47 30.32 -16.91
CA HIS H 42 -34.92 29.13 -16.20
C HIS H 42 -34.72 29.23 -14.71
N PRO H 43 -35.34 30.23 -14.08
CA PRO H 43 -35.18 30.36 -12.63
C PRO H 43 -36.39 29.81 -11.90
N ALA H 44 -37.11 28.92 -12.58
CA ALA H 44 -38.34 28.34 -12.05
C ALA H 44 -38.23 27.02 -11.29
N THR H 45 -38.46 25.92 -12.01
CA THR H 45 -38.43 24.59 -11.42
C THR H 45 -37.27 23.75 -11.93
N TRP H 46 -36.14 24.41 -12.18
CA TRP H 46 -34.93 23.77 -12.68
C TRP H 46 -34.58 22.42 -12.04
N LYS H 47 -34.58 22.33 -10.71
CA LYS H 47 -34.25 21.08 -10.04
C LYS H 47 -35.07 19.92 -10.62
N ASN H 48 -36.27 20.22 -11.09
CA ASN H 48 -37.08 19.18 -11.68
C ASN H 48 -36.47 18.87 -13.05
N ALA H 49 -36.18 19.91 -13.83
CA ALA H 49 -35.61 19.69 -15.16
C ALA H 49 -34.29 18.93 -15.08
N ILE H 50 -33.67 18.90 -13.91
CA ILE H 50 -32.41 18.18 -13.79
C ILE H 50 -32.68 16.69 -13.54
N ARG H 51 -33.76 16.37 -12.84
CA ARG H 51 -34.04 14.95 -12.64
C ARG H 51 -34.51 14.42 -13.97
N HIS H 52 -35.39 15.19 -14.61
CA HIS H 52 -35.92 14.82 -15.91
C HIS H 52 -34.79 14.51 -16.84
N ASN H 53 -34.00 15.53 -17.15
CA ASN H 53 -32.90 15.38 -18.09
C ASN H 53 -31.97 14.21 -17.86
N LEU H 54 -31.63 13.93 -16.61
CA LEU H 54 -30.76 12.79 -16.32
C LEU H 54 -31.41 11.47 -16.74
N SER H 55 -32.75 11.41 -16.71
CA SER H 55 -33.45 10.19 -17.06
C SER H 55 -33.76 10.08 -18.54
N LEU H 56 -34.19 11.18 -19.12
CA LEU H 56 -34.54 11.15 -20.53
C LEU H 56 -33.32 10.78 -21.34
N HIS H 57 -32.31 11.64 -21.28
CA HIS H 57 -31.09 11.43 -22.04
C HIS H 57 -30.40 10.15 -21.67
N LYS H 58 -29.95 9.44 -22.69
CA LYS H 58 -29.26 8.16 -22.50
C LYS H 58 -27.81 8.39 -22.10
N CYS H 59 -27.24 9.53 -22.45
CA CYS H 59 -25.85 9.83 -22.10
C CYS H 59 -25.59 10.01 -20.60
N PHE H 60 -26.63 9.98 -19.79
CA PHE H 60 -26.44 10.11 -18.35
C PHE H 60 -26.81 8.77 -17.75
N VAL H 61 -25.78 8.00 -17.40
CA VAL H 61 -25.98 6.66 -16.87
C VAL H 61 -25.73 6.63 -15.39
N ARG H 62 -26.76 6.25 -14.64
CA ARG H 62 -26.65 6.17 -13.21
C ARG H 62 -25.90 4.89 -12.90
N VAL H 63 -24.85 4.98 -12.09
CA VAL H 63 -24.07 3.78 -11.75
C VAL H 63 -24.02 3.59 -10.25
N GLU H 64 -24.03 2.33 -9.85
CA GLU H 64 -24.00 1.98 -8.44
C GLU H 64 -22.60 2.08 -7.86
N SER H 65 -22.53 2.35 -6.57
CA SER H 65 -21.25 2.48 -5.88
C SER H 65 -21.33 1.87 -4.49
N GLU H 66 -20.17 1.51 -3.96
CA GLU H 66 -20.07 0.92 -2.65
C GLU H 66 -20.82 1.80 -1.65
N LYS H 67 -20.86 3.11 -1.93
CA LYS H 67 -21.56 4.04 -1.06
C LYS H 67 -23.01 4.22 -1.49
N GLY H 68 -23.20 4.93 -2.59
CA GLY H 68 -24.53 5.16 -3.14
C GLY H 68 -24.44 5.26 -4.65
N ALA H 69 -25.58 5.45 -5.31
CA ALA H 69 -25.58 5.58 -6.76
C ALA H 69 -25.10 6.99 -7.07
N VAL H 70 -24.61 7.20 -8.28
CA VAL H 70 -24.12 8.51 -8.67
C VAL H 70 -24.26 8.63 -10.17
N TRP H 71 -24.37 9.85 -10.67
CA TRP H 71 -24.52 10.01 -12.10
C TRP H 71 -23.20 10.20 -12.83
N THR H 72 -23.17 9.72 -14.06
CA THR H 72 -21.98 9.81 -14.90
C THR H 72 -22.40 10.16 -16.30
N VAL H 73 -21.43 10.46 -17.16
CA VAL H 73 -21.78 10.80 -18.53
C VAL H 73 -21.04 9.97 -19.55
N ASP H 74 -21.80 9.22 -20.34
CA ASP H 74 -21.24 8.38 -21.39
C ASP H 74 -20.94 9.30 -22.57
N GLU H 75 -19.70 9.75 -22.64
CA GLU H 75 -19.25 10.66 -23.69
C GLU H 75 -19.46 10.09 -25.09
N LEU H 76 -19.55 8.77 -25.19
CA LEU H 76 -19.75 8.12 -26.48
C LEU H 76 -21.23 8.12 -26.82
N GLU H 77 -22.07 7.78 -25.83
CA GLU H 77 -23.51 7.74 -26.04
C GLU H 77 -24.01 9.03 -26.64
N PHE H 78 -23.17 10.06 -26.64
CA PHE H 78 -23.56 11.33 -27.23
C PHE H 78 -23.25 11.27 -28.73
N ARG H 79 -22.96 12.43 -29.33
CA ARG H 79 -22.64 12.49 -30.75
C ARG H 79 -23.81 12.08 -31.67
N LYS H 80 -23.54 12.00 -32.97
CA LYS H 80 -24.56 11.65 -33.96
C LYS H 80 -24.61 10.20 -34.43
N LYS H 81 -25.82 9.77 -34.76
CA LYS H 81 -26.08 8.42 -35.27
C LYS H 81 -26.91 8.60 -36.54
N ARG H 82 -26.75 9.76 -37.17
CA ARG H 82 -27.48 10.07 -38.39
C ARG H 82 -27.37 8.98 -39.46
#